data_8JNI
#
_entry.id   8JNI
#
loop_
_entity.id
_entity.type
_entity.pdbx_description
1 polymer 'Anion exchange protein 2'
2 non-polymer 'CHLORIDE ION'
3 non-polymer '[(2R)-1-octadecanoyloxy-3-[oxidanyl-[(1R,2R,3S,4R,5R,6S)-2,3,6-tris(oxidanyl)-4,5-diphosphonooxy-cyclohexyl]oxy-phospho ryl]oxy-propan-2-yl] (8Z)-icosa-5,8,11,14-tetraenoate'
#
_entity_poly.entity_id   1
_entity_poly.type   'polypeptide(L)'
_entity_poly.pdbx_seq_one_letter_code
;MSSAPRRPAKGADSFCTPEPESLGPGTPGFPEQEEDELHRTLGVERFEEILQEAGSRGGEEPGRSYGEEDFEYHRQSSHH
IHHPLSTHLPPDARRRKTPQGPGRKPRRRPGASPTGETPTIEEGEEDEDEASEAEGARALTQPSPVSTPSSVQFFLQEDD
SADRKAERTSPSSPAPLPHQEATPRASKGAQAGTQVEEAEAEAVAVASGTAGGDDGGASGRPLPKAQPGHRSYNLQERRR
IGSMTGAEQALLPRVPTDEIEAQTLATADLDLMKSHRFEDVPGVRRHLVRKNAKGSTQSGREGREPGPTPRARPRAPHKP
HEVFVELNELLLDKNQEPQWRETARWIKFEEDVEEETERWGKPHVASLSFRSLLELRRTLAHGAVLLDLDQQTLPGVAHQ
VVEQMVISDQIKAEDRANVLRALLLKHSHPSDEKDFSFPRNISAGSLGSLLGHHHGQGAESDPHVTEPLMGGVPETRLEV
ERERELPPPAPPAGITRSKSKHELKLLEKIPENAEATVVLVGCVEFLSRPTMAFVRLREAVELDAVLEVPVPVRFLFLLL
GPSSANMDYHEIGRSISTLMSDKQFHEAAYLADEREDLLTAINAFLDCSVVLPPSEVQGEELLRSVAHFQRQMLKKREEQ
GRLLPTGAGLEPKSAQDKALLQMVEAAGAAEDDPLRRTGRPFGGLIRDVRRRYPHYLSDFRDALDPQCLAAVIFIYFAAL
SPAITFGGLLGEKTQDLIGVSELIMSTALQGVVFCLLGAQPLLVIGFSGPLLVFEEAFFSFCSSNHLEYLVGRVWIGFWL
VFLALLMVALEGSFLVRFVSRFTQEIFAFLISLIFIYETFYKLVKIFQEHPLHGCSASNSSEVDGGENMTWAGARPTLGP
GNRSLAGQSGQGKPRGQPNTALLSLVLMAGTFFIAFFLRKFKNSRFFPGRIRRVIGDFGVPIAILIMVLVDYSIEDTYTQ
KLSVPSGFSVTAPEKRGWVINPLGEKSPFPVWMMVASLLPAILVFILIFMETQITTLIISKKERMLQKGSGFHLDLLLIV
AMGGICALFGLPWLAAATVRSVTHANALTVMSKAVAPGDKPKIQEVKEQRVTGLLVALLVGLSIVIGDLLRQIPLAVLFG
IFLYMGVTSLNGIQFYERLHLLLMPPKHHPDVTYVKKVRTLRMHLFTALQLLCLALLWAVMSTAASLAFPFILILTVPLR
MVVLTRIFTDREMKCLDANEAEPVFDEREGVDEYNEMPMPV
;
_entity_poly.pdbx_strand_id   B,A
#
loop_
_chem_comp.id
_chem_comp.type
_chem_comp.name
_chem_comp.formula
CL non-polymer 'CHLORIDE ION' 'Cl -1'
PT5 non-polymer '[(2R)-1-octadecanoyloxy-3-[oxidanyl-[(1R,2R,3S,4R,5R,6S)-2,3,6-tris(oxidanyl)-4,5-diphosphonooxy-cyclohexyl]oxy-phospho ryl]oxy-propan-2-yl] (8Z)-icosa-5,8,11,14-tetraenoate' 'C47 H85 O19 P3'
#
# COMPACT_ATOMS: atom_id res chain seq x y z
N ASP A 673 -10.11 43.65 -13.68
CA ASP A 673 -9.28 42.54 -13.22
C ASP A 673 -7.86 43.01 -12.95
N PRO A 674 -7.18 42.35 -12.00
CA PRO A 674 -5.82 42.78 -11.65
C PRO A 674 -4.86 42.74 -12.82
N LEU A 675 -5.04 41.82 -13.77
CA LEU A 675 -4.13 41.67 -14.89
C LEU A 675 -4.30 42.73 -15.96
N ARG A 676 -5.28 43.61 -15.83
CA ARG A 676 -5.43 44.70 -16.79
C ARG A 676 -4.22 45.61 -16.74
N ARG A 677 -3.74 46.01 -17.92
CA ARG A 677 -2.51 46.78 -18.05
C ARG A 677 -2.86 48.24 -18.29
N THR A 678 -2.33 49.12 -17.45
CA THR A 678 -2.49 50.56 -17.59
C THR A 678 -1.15 51.20 -17.94
N GLY A 679 -1.23 52.38 -18.56
CA GLY A 679 -0.02 53.02 -19.05
C GLY A 679 0.91 53.47 -17.93
N ARG A 680 0.35 53.92 -16.82
CA ARG A 680 1.17 54.51 -15.77
C ARG A 680 2.16 53.49 -15.22
N PRO A 681 3.40 53.90 -14.95
CA PRO A 681 4.37 52.96 -14.36
C PRO A 681 3.89 52.45 -13.02
N PHE A 682 4.21 51.19 -12.74
CA PHE A 682 3.82 50.53 -11.50
C PHE A 682 2.31 50.60 -11.30
N GLY A 683 1.56 50.46 -12.41
CA GLY A 683 0.12 50.49 -12.30
C GLY A 683 -0.43 49.33 -11.50
N GLY A 684 0.08 48.12 -11.76
CA GLY A 684 -0.40 46.96 -11.03
C GLY A 684 -0.05 47.03 -9.55
N LEU A 685 1.17 47.46 -9.24
CA LEU A 685 1.59 47.57 -7.85
C LEU A 685 0.74 48.58 -7.09
N ILE A 686 0.51 49.74 -7.70
CA ILE A 686 -0.30 50.78 -7.06
C ILE A 686 -1.75 50.30 -6.88
N ARG A 687 -2.29 49.64 -7.91
CA ARG A 687 -3.65 49.13 -7.79
C ARG A 687 -3.77 48.09 -6.69
N ASP A 688 -2.79 47.19 -6.59
CA ASP A 688 -2.84 46.17 -5.55
C ASP A 688 -2.71 46.78 -4.16
N VAL A 689 -1.85 47.79 -4.01
CA VAL A 689 -1.75 48.47 -2.72
C VAL A 689 -3.08 49.13 -2.37
N ARG A 690 -3.64 49.90 -3.31
CA ARG A 690 -4.89 50.60 -3.05
C ARG A 690 -6.08 49.66 -2.92
N ARG A 691 -5.94 48.41 -3.34
CA ARG A 691 -7.00 47.41 -3.17
C ARG A 691 -6.91 46.69 -1.84
N ARG A 692 -5.71 46.35 -1.38
CA ARG A 692 -5.55 45.52 -0.20
C ARG A 692 -5.21 46.29 1.08
N TYR A 693 -4.32 47.27 1.00
CA TYR A 693 -3.86 47.93 2.23
C TYR A 693 -4.94 48.68 2.99
N PRO A 694 -6.01 49.19 2.39
CA PRO A 694 -7.11 49.74 3.22
C PRO A 694 -7.73 48.71 4.15
N HIS A 695 -7.61 47.42 3.86
CA HIS A 695 -8.11 46.36 4.72
C HIS A 695 -7.05 45.86 5.70
N TYR A 696 -6.06 46.69 6.02
CA TYR A 696 -4.93 46.23 6.83
C TYR A 696 -5.38 45.87 8.25
N LEU A 697 -6.17 46.74 8.89
CA LEU A 697 -6.64 46.46 10.24
C LEU A 697 -7.66 45.33 10.23
N SER A 698 -8.50 45.26 9.19
CA SER A 698 -9.47 44.18 9.10
C SER A 698 -8.79 42.82 8.95
N ASP A 699 -7.60 42.80 8.32
CA ASP A 699 -6.85 41.55 8.19
C ASP A 699 -6.52 40.97 9.56
N PHE A 700 -6.11 41.82 10.51
CA PHE A 700 -5.84 41.35 11.86
C PHE A 700 -7.11 41.11 12.65
N ARG A 701 -8.16 41.91 12.42
CA ARG A 701 -9.41 41.72 13.15
C ARG A 701 -10.07 40.39 12.80
N ASP A 702 -10.01 40.00 11.53
CA ASP A 702 -10.67 38.77 11.08
C ASP A 702 -10.00 37.51 11.59
N ALA A 703 -8.83 37.61 12.22
CA ALA A 703 -8.09 36.44 12.66
C ALA A 703 -8.52 35.93 14.02
N LEU A 704 -9.48 36.58 14.67
CA LEU A 704 -9.87 36.20 16.02
C LEU A 704 -10.74 34.95 16.07
N ASP A 705 -11.10 34.38 14.92
CA ASP A 705 -11.87 33.15 14.92
C ASP A 705 -11.03 31.99 15.48
N PRO A 706 -11.68 31.05 16.19
CA PRO A 706 -10.94 29.87 16.66
C PRO A 706 -10.44 28.98 15.54
N GLN A 707 -11.00 29.09 14.33
CA GLN A 707 -10.53 28.30 13.21
C GLN A 707 -9.12 28.69 12.77
N CYS A 708 -8.69 29.92 13.05
CA CYS A 708 -7.37 30.35 12.63
C CYS A 708 -6.27 29.56 13.33
N LEU A 709 -6.46 29.25 14.62
CA LEU A 709 -5.47 28.44 15.33
C LEU A 709 -5.38 27.05 14.73
N ALA A 710 -6.52 26.46 14.38
CA ALA A 710 -6.51 25.15 13.73
C ALA A 710 -5.79 25.23 12.38
N ALA A 711 -6.03 26.30 11.63
CA ALA A 711 -5.33 26.47 10.36
C ALA A 711 -3.82 26.58 10.55
N VAL A 712 -3.40 27.34 11.56
CA VAL A 712 -1.98 27.49 11.86
C VAL A 712 -1.36 26.13 12.18
N ILE A 713 -2.03 25.36 13.03
CA ILE A 713 -1.50 24.04 13.40
C ILE A 713 -1.48 23.12 12.18
N PHE A 714 -2.47 23.24 11.31
CA PHE A 714 -2.52 22.38 10.12
C PHE A 714 -1.35 22.66 9.20
N ILE A 715 -1.13 23.94 8.87
CA ILE A 715 -0.16 24.27 7.83
C ILE A 715 1.26 24.48 8.36
N TYR A 716 1.44 24.57 9.68
CA TYR A 716 2.79 24.75 10.21
C TYR A 716 3.69 23.58 9.85
N PHE A 717 3.17 22.35 9.96
CA PHE A 717 3.98 21.19 9.61
C PHE A 717 4.13 21.05 8.10
N ALA A 718 3.07 21.38 7.34
CA ALA A 718 3.15 21.36 5.89
C ALA A 718 4.11 22.41 5.35
N ALA A 719 4.48 23.40 6.16
CA ALA A 719 5.52 24.34 5.79
C ALA A 719 6.88 23.94 6.34
N LEU A 720 6.93 23.35 7.55
CA LEU A 720 8.20 23.03 8.18
C LEU A 720 8.86 21.82 7.53
N SER A 721 8.09 20.76 7.28
CA SER A 721 8.68 19.54 6.72
C SER A 721 9.32 19.77 5.35
N PRO A 722 8.67 20.43 4.39
CA PRO A 722 9.38 20.74 3.14
C PRO A 722 10.62 21.58 3.38
N ALA A 723 10.57 22.51 4.33
CA ALA A 723 11.73 23.36 4.59
C ALA A 723 12.93 22.53 5.02
N ILE A 724 12.75 21.61 5.97
CA ILE A 724 13.87 20.81 6.44
C ILE A 724 14.32 19.81 5.38
N THR A 725 13.37 19.23 4.64
CA THR A 725 13.76 18.29 3.58
C THR A 725 14.62 18.98 2.53
N PHE A 726 14.20 20.17 2.08
CA PHE A 726 14.97 20.87 1.06
C PHE A 726 16.26 21.44 1.63
N GLY A 727 16.29 21.75 2.92
CA GLY A 727 17.55 22.13 3.55
C GLY A 727 18.55 21.00 3.55
N GLY A 728 18.09 19.78 3.86
CA GLY A 728 18.96 18.63 3.78
C GLY A 728 19.44 18.37 2.36
N LEU A 729 18.53 18.50 1.39
CA LEU A 729 18.92 18.33 -0.01
C LEU A 729 19.97 19.35 -0.42
N LEU A 730 19.79 20.61 -0.01
CA LEU A 730 20.77 21.65 -0.35
C LEU A 730 22.11 21.39 0.33
N GLY A 731 22.07 20.93 1.58
CA GLY A 731 23.31 20.60 2.26
C GLY A 731 24.07 19.49 1.57
N GLU A 732 23.34 18.45 1.13
CA GLU A 732 23.98 17.37 0.39
C GLU A 732 24.55 17.86 -0.94
N LYS A 733 23.75 18.62 -1.70
CA LYS A 733 24.15 18.95 -3.07
C LYS A 733 25.21 20.04 -3.11
N THR A 734 25.12 21.04 -2.25
CA THR A 734 25.99 22.20 -2.31
C THR A 734 27.09 22.17 -1.25
N GLN A 735 27.36 21.01 -0.66
CA GLN A 735 28.44 20.85 0.32
C GLN A 735 28.21 21.73 1.54
N ASP A 736 26.99 21.71 2.08
CA ASP A 736 26.60 22.39 3.31
C ASP A 736 26.74 23.90 3.25
N LEU A 737 26.98 24.48 2.08
CA LEU A 737 27.00 25.93 1.96
C LEU A 737 25.63 26.51 2.29
N ILE A 738 24.57 25.89 1.77
CA ILE A 738 23.20 26.23 2.12
C ILE A 738 22.53 24.96 2.64
N GLY A 739 21.92 25.05 3.81
CA GLY A 739 21.38 23.86 4.43
C GLY A 739 20.04 24.05 5.12
N VAL A 740 19.83 23.32 6.21
CA VAL A 740 18.56 23.42 6.93
C VAL A 740 18.45 24.76 7.64
N SER A 741 19.55 25.24 8.21
CA SER A 741 19.49 26.50 8.96
C SER A 741 19.21 27.68 8.03
N GLU A 742 19.96 27.78 6.93
CA GLU A 742 19.77 28.89 6.00
C GLU A 742 18.38 28.86 5.40
N LEU A 743 17.90 27.68 5.03
CA LEU A 743 16.57 27.59 4.43
C LEU A 743 15.47 27.90 5.44
N ILE A 744 15.62 27.43 6.68
CA ILE A 744 14.63 27.74 7.71
C ILE A 744 14.60 29.24 7.97
N MET A 745 15.77 29.87 8.10
CA MET A 745 15.80 31.30 8.34
C MET A 745 15.23 32.08 7.17
N SER A 746 15.57 31.69 5.94
CA SER A 746 15.05 32.38 4.77
C SER A 746 13.54 32.24 4.70
N THR A 747 13.02 31.03 4.91
CA THR A 747 11.58 30.83 4.86
C THR A 747 10.88 31.67 5.93
N ALA A 748 11.41 31.66 7.15
CA ALA A 748 10.79 32.42 8.23
C ALA A 748 10.83 33.93 7.96
N LEU A 749 12.00 34.43 7.57
CA LEU A 749 12.15 35.87 7.37
C LEU A 749 11.30 36.35 6.21
N GLN A 750 11.33 35.63 5.09
CA GLN A 750 10.54 36.04 3.94
C GLN A 750 9.05 35.87 4.20
N GLY A 751 8.67 34.82 4.92
CA GLY A 751 7.27 34.69 5.29
C GLY A 751 6.79 35.83 6.16
N VAL A 752 7.60 36.23 7.15
CA VAL A 752 7.20 37.33 8.02
C VAL A 752 7.07 38.62 7.23
N VAL A 753 8.07 38.94 6.40
CA VAL A 753 8.04 40.21 5.69
C VAL A 753 6.91 40.22 4.66
N PHE A 754 6.70 39.10 3.97
CA PHE A 754 5.61 39.05 2.99
C PHE A 754 4.25 39.18 3.67
N CYS A 755 4.00 38.36 4.70
CA CYS A 755 2.71 38.42 5.37
C CYS A 755 2.47 39.78 6.00
N LEU A 756 3.53 40.49 6.37
CA LEU A 756 3.34 41.86 6.85
C LEU A 756 3.09 42.85 5.72
N LEU A 757 3.62 42.59 4.52
CA LEU A 757 3.53 43.57 3.43
C LEU A 757 2.87 43.05 2.16
N GLY A 758 2.69 41.75 2.01
CA GLY A 758 2.16 41.22 0.76
C GLY A 758 0.70 41.53 0.57
N ALA A 759 0.28 41.50 -0.70
CA ALA A 759 -1.12 41.73 -1.03
C ALA A 759 -1.99 40.54 -0.71
N GLN A 760 -1.46 39.33 -0.79
CA GLN A 760 -2.20 38.11 -0.49
C GLN A 760 -1.40 37.28 0.52
N PRO A 761 -1.56 37.58 1.81
CA PRO A 761 -0.83 36.80 2.83
C PRO A 761 -1.22 35.33 2.85
N LEU A 762 -2.36 34.95 2.27
CA LEU A 762 -2.71 33.54 2.18
C LEU A 762 -1.72 32.76 1.33
N LEU A 763 -0.91 33.44 0.52
CA LEU A 763 0.20 32.78 -0.14
C LEU A 763 1.19 32.27 0.90
N VAL A 764 1.62 31.03 0.75
CA VAL A 764 2.62 30.44 1.63
C VAL A 764 3.93 30.40 0.86
N ILE A 765 4.91 31.16 1.33
CA ILE A 765 6.21 31.26 0.67
C ILE A 765 7.10 30.15 1.19
N GLY A 766 7.71 29.41 0.28
CA GLY A 766 8.59 28.32 0.66
C GLY A 766 9.41 27.86 -0.51
N PHE A 767 10.50 27.17 -0.18
CA PHE A 767 11.39 26.62 -1.20
C PHE A 767 10.68 25.50 -1.96
N SER A 768 10.86 25.50 -3.27
CA SER A 768 10.17 24.56 -4.14
C SER A 768 11.18 23.64 -4.82
N GLY A 769 10.65 22.60 -5.46
CA GLY A 769 11.46 21.63 -6.17
C GLY A 769 12.28 22.20 -7.32
N PRO A 770 11.64 22.91 -8.24
CA PRO A 770 12.40 23.51 -9.35
C PRO A 770 13.47 24.48 -8.90
N LEU A 771 13.23 25.24 -7.83
CA LEU A 771 14.27 26.11 -7.30
C LEU A 771 15.46 25.30 -6.80
N LEU A 772 15.20 24.18 -6.14
CA LEU A 772 16.29 23.30 -5.71
C LEU A 772 17.06 22.77 -6.91
N VAL A 773 16.35 22.35 -7.94
CA VAL A 773 17.01 21.83 -9.14
C VAL A 773 17.89 22.90 -9.76
N PHE A 774 17.39 24.13 -9.85
CA PHE A 774 18.18 25.18 -10.46
C PHE A 774 19.39 25.54 -9.59
N GLU A 775 19.24 25.54 -8.27
CA GLU A 775 20.39 25.84 -7.42
C GLU A 775 21.45 24.75 -7.53
N GLU A 776 21.03 23.49 -7.62
CA GLU A 776 21.99 22.42 -7.86
C GLU A 776 22.70 22.60 -9.21
N ALA A 777 21.94 22.97 -10.24
CA ALA A 777 22.53 23.19 -11.56
C ALA A 777 23.52 24.34 -11.53
N PHE A 778 23.18 25.42 -10.84
CA PHE A 778 24.08 26.56 -10.77
C PHE A 778 25.32 26.24 -9.96
N PHE A 779 25.17 25.45 -8.90
CA PHE A 779 26.34 25.02 -8.14
C PHE A 779 27.26 24.16 -8.99
N SER A 780 26.68 23.26 -9.79
CA SER A 780 27.50 22.46 -10.70
C SER A 780 28.21 23.34 -11.71
N PHE A 781 27.51 24.36 -12.24
CA PHE A 781 28.13 25.29 -13.17
C PHE A 781 29.31 26.00 -12.51
N CYS A 782 29.12 26.49 -11.29
CA CYS A 782 30.19 27.21 -10.60
C CYS A 782 31.37 26.29 -10.31
N SER A 783 31.09 25.05 -9.88
CA SER A 783 32.18 24.11 -9.58
C SER A 783 32.97 23.76 -10.84
N SER A 784 32.27 23.56 -11.96
CA SER A 784 32.96 23.20 -13.20
C SER A 784 33.87 24.32 -13.69
N ASN A 785 33.44 25.57 -13.56
CA ASN A 785 34.15 26.70 -14.12
C ASN A 785 34.97 27.46 -13.09
N HIS A 786 35.18 26.89 -11.90
CA HIS A 786 35.98 27.49 -10.84
C HIS A 786 35.43 28.87 -10.44
N LEU A 787 34.18 28.86 -10.00
CA LEU A 787 33.50 30.06 -9.54
C LEU A 787 32.90 29.80 -8.17
N GLU A 788 32.90 30.84 -7.34
CA GLU A 788 32.35 30.71 -5.99
C GLU A 788 30.83 30.73 -6.05
N TYR A 789 30.21 29.79 -5.34
CA TYR A 789 28.77 29.59 -5.43
C TYR A 789 28.01 30.78 -4.88
N LEU A 790 28.35 31.23 -3.68
CA LEU A 790 27.53 32.20 -2.98
C LEU A 790 27.64 33.59 -3.60
N VAL A 791 28.82 33.95 -4.10
CA VAL A 791 28.96 35.25 -4.76
C VAL A 791 28.20 35.27 -6.08
N GLY A 792 28.24 34.17 -6.82
CA GLY A 792 27.40 34.05 -8.00
C GLY A 792 25.93 34.17 -7.67
N ARG A 793 25.50 33.59 -6.55
CA ARG A 793 24.12 33.76 -6.11
C ARG A 793 23.82 35.20 -5.74
N VAL A 794 24.79 35.90 -5.15
CA VAL A 794 24.60 37.31 -4.81
C VAL A 794 24.33 38.12 -6.07
N TRP A 795 25.11 37.87 -7.12
CA TRP A 795 24.91 38.65 -8.35
C TRP A 795 23.64 38.24 -9.08
N ILE A 796 23.27 36.95 -9.01
CA ILE A 796 21.98 36.55 -9.54
C ILE A 796 20.86 37.27 -8.79
N GLY A 797 21.03 37.46 -7.49
CA GLY A 797 20.02 38.18 -6.72
C GLY A 797 19.92 39.65 -7.11
N PHE A 798 21.07 40.29 -7.32
CA PHE A 798 21.04 41.70 -7.75
C PHE A 798 20.32 41.84 -9.10
N TRP A 799 20.66 40.97 -10.05
CA TRP A 799 19.96 41.02 -11.33
C TRP A 799 18.49 40.65 -11.17
N LEU A 800 18.16 39.77 -10.21
CA LEU A 800 16.77 39.45 -9.96
C LEU A 800 15.99 40.67 -9.48
N VAL A 801 16.59 41.45 -8.59
CA VAL A 801 15.94 42.67 -8.12
C VAL A 801 15.73 43.63 -9.28
N PHE A 802 16.74 43.77 -10.15
CA PHE A 802 16.58 44.64 -11.31
C PHE A 802 15.44 44.16 -12.21
N LEU A 803 15.38 42.87 -12.48
CA LEU A 803 14.33 42.33 -13.35
C LEU A 803 12.95 42.50 -12.73
N ALA A 804 12.84 42.29 -11.41
CA ALA A 804 11.55 42.47 -10.75
C ALA A 804 11.10 43.92 -10.85
N LEU A 805 12.00 44.86 -10.59
CA LEU A 805 11.63 46.27 -10.71
C LEU A 805 11.19 46.59 -12.14
N LEU A 806 11.93 46.10 -13.14
CA LEU A 806 11.58 46.39 -14.52
C LEU A 806 10.23 45.81 -14.90
N MET A 807 9.99 44.54 -14.58
CA MET A 807 8.74 43.91 -14.96
C MET A 807 7.55 44.56 -14.25
N VAL A 808 7.68 44.85 -12.95
CA VAL A 808 6.57 45.48 -12.25
C VAL A 808 6.35 46.91 -12.75
N ALA A 809 7.42 47.61 -13.13
CA ALA A 809 7.26 48.94 -13.69
C ALA A 809 6.51 48.89 -15.02
N LEU A 810 6.84 47.94 -15.88
CA LEU A 810 6.19 47.83 -17.17
C LEU A 810 4.95 46.94 -17.13
N GLU A 811 4.60 46.40 -15.96
CA GLU A 811 3.42 45.56 -15.79
C GLU A 811 3.45 44.37 -16.74
N GLY A 812 4.53 43.60 -16.64
CA GLY A 812 4.63 42.38 -17.40
C GLY A 812 3.90 41.19 -16.81
N SER A 813 3.29 41.35 -15.64
CA SER A 813 2.63 40.24 -14.98
C SER A 813 1.46 39.70 -15.79
N PHE A 814 0.91 40.50 -16.71
CA PHE A 814 -0.18 40.01 -17.55
C PHE A 814 0.28 38.86 -18.43
N LEU A 815 1.59 38.66 -18.56
CA LEU A 815 2.09 37.51 -19.30
C LEU A 815 1.67 36.20 -18.67
N VAL A 816 1.26 36.21 -17.40
CA VAL A 816 0.76 34.99 -16.80
C VAL A 816 -0.51 34.51 -17.51
N ARG A 817 -1.16 35.38 -18.27
CA ARG A 817 -2.29 34.93 -19.09
C ARG A 817 -1.83 33.89 -20.10
N PHE A 818 -0.64 34.06 -20.66
CA PHE A 818 -0.18 33.22 -21.75
C PHE A 818 0.33 31.86 -21.29
N VAL A 819 0.49 31.66 -19.99
CA VAL A 819 0.90 30.35 -19.47
C VAL A 819 -0.34 29.48 -19.42
N SER A 820 -0.53 28.67 -20.46
CA SER A 820 -1.74 27.89 -20.63
C SER A 820 -1.75 26.71 -19.64
N ARG A 821 -2.74 25.84 -19.77
CA ARG A 821 -2.71 24.57 -19.04
C ARG A 821 -1.58 23.69 -19.55
N PHE A 822 -1.27 23.79 -20.84
CA PHE A 822 -0.24 22.96 -21.47
C PHE A 822 1.12 23.16 -20.81
N THR A 823 1.38 24.35 -20.27
CA THR A 823 2.65 24.62 -19.59
C THR A 823 2.58 24.35 -18.10
N GLN A 824 1.47 24.73 -17.46
CA GLN A 824 1.33 24.52 -16.02
C GLN A 824 1.39 23.03 -15.68
N GLU A 825 0.73 22.19 -16.47
CA GLU A 825 0.70 20.77 -16.15
C GLU A 825 2.03 20.10 -16.44
N ILE A 826 2.74 20.51 -17.49
CA ILE A 826 4.10 20.03 -17.70
C ILE A 826 4.98 20.41 -16.53
N PHE A 827 4.87 21.65 -16.06
CA PHE A 827 5.69 22.10 -14.94
C PHE A 827 5.39 21.32 -13.67
N ALA A 828 4.10 21.10 -13.37
CA ALA A 828 3.75 20.36 -12.16
C ALA A 828 4.20 18.91 -12.25
N PHE A 829 4.05 18.29 -13.42
CA PHE A 829 4.53 16.92 -13.61
C PHE A 829 6.05 16.87 -13.43
N LEU A 830 6.76 17.88 -13.92
CA LEU A 830 8.20 17.93 -13.74
C LEU A 830 8.56 18.05 -12.27
N ILE A 831 7.83 18.87 -11.51
CA ILE A 831 8.10 18.99 -10.08
C ILE A 831 7.92 17.65 -9.38
N SER A 832 6.81 16.96 -9.67
CA SER A 832 6.54 15.69 -9.01
C SER A 832 7.57 14.62 -9.40
N LEU A 833 7.95 14.57 -10.67
CA LEU A 833 9.00 13.65 -11.08
C LEU A 833 10.32 13.98 -10.41
N ILE A 834 10.60 15.27 -10.19
CA ILE A 834 11.80 15.66 -9.46
C ILE A 834 11.76 15.10 -8.05
N PHE A 835 10.63 15.24 -7.36
CA PHE A 835 10.51 14.70 -6.01
C PHE A 835 10.77 13.19 -5.99
N ILE A 836 10.10 12.47 -6.88
CA ILE A 836 10.21 11.01 -6.89
C ILE A 836 11.64 10.60 -7.20
N TYR A 837 12.25 11.22 -8.19
CA TYR A 837 13.62 10.87 -8.58
C TYR A 837 14.60 11.17 -7.46
N GLU A 838 14.42 12.29 -6.76
CA GLU A 838 15.33 12.62 -5.67
C GLU A 838 15.20 11.62 -4.52
N THR A 839 13.97 11.23 -4.17
CA THR A 839 13.83 10.23 -3.10
C THR A 839 14.48 8.91 -3.50
N PHE A 840 14.23 8.44 -4.72
CA PHE A 840 14.80 7.14 -5.10
C PHE A 840 16.30 7.22 -5.30
N TYR A 841 16.83 8.35 -5.74
CA TYR A 841 18.28 8.50 -5.86
C TYR A 841 18.93 8.54 -4.49
N LYS A 842 18.29 9.18 -3.51
CA LYS A 842 18.81 9.13 -2.15
C LYS A 842 18.78 7.70 -1.61
N LEU A 843 17.73 6.95 -1.91
CA LEU A 843 17.68 5.57 -1.47
C LEU A 843 18.80 4.74 -2.08
N VAL A 844 19.06 4.92 -3.37
CA VAL A 844 20.15 4.20 -4.01
C VAL A 844 21.50 4.63 -3.43
N LYS A 845 21.64 5.92 -3.12
CA LYS A 845 22.88 6.39 -2.49
C LYS A 845 23.09 5.74 -1.13
N ILE A 846 22.01 5.59 -0.35
CA ILE A 846 22.11 4.90 0.93
C ILE A 846 22.52 3.44 0.72
N PHE A 847 21.91 2.77 -0.26
CA PHE A 847 22.24 1.38 -0.51
C PHE A 847 23.64 1.20 -1.06
N GLN A 848 24.24 2.25 -1.61
CA GLN A 848 25.62 2.17 -2.07
C GLN A 848 26.62 2.55 -1.00
N GLU A 849 26.24 3.43 -0.06
CA GLU A 849 27.13 3.79 1.03
C GLU A 849 27.19 2.72 2.11
N HIS A 850 26.10 1.99 2.31
CA HIS A 850 26.01 0.95 3.33
C HIS A 850 25.55 -0.35 2.68
N PRO A 851 26.41 -1.00 1.90
CA PRO A 851 25.98 -2.18 1.15
C PRO A 851 25.64 -3.34 2.06
N LEU A 852 24.81 -4.24 1.53
CA LEU A 852 24.35 -5.40 2.27
C LEU A 852 25.43 -6.47 2.27
N HIS A 853 26.28 -6.43 3.29
CA HIS A 853 27.34 -7.41 3.47
C HIS A 853 27.34 -7.89 4.92
N GLY A 854 27.70 -9.15 5.10
CA GLY A 854 27.81 -9.72 6.43
C GLY A 854 29.11 -9.32 7.12
N CYS A 855 29.25 -9.81 8.34
CA CYS A 855 30.42 -9.49 9.14
C CYS A 855 31.31 -10.71 9.35
N PRO A 894 29.77 7.68 8.33
CA PRO A 894 30.02 6.24 8.45
C PRO A 894 29.63 5.48 7.19
N ARG A 895 30.41 4.45 6.84
CA ARG A 895 30.14 3.65 5.66
C ARG A 895 30.27 2.18 6.00
N GLY A 896 29.56 1.35 5.24
CA GLY A 896 29.57 -0.08 5.46
C GLY A 896 28.77 -0.57 6.63
N GLN A 897 27.99 0.30 7.27
CA GLN A 897 27.24 -0.10 8.45
C GLN A 897 26.13 -1.08 8.08
N PRO A 898 25.97 -2.16 8.83
CA PRO A 898 24.88 -3.10 8.54
C PRO A 898 23.54 -2.57 9.02
N ASN A 899 22.49 -3.04 8.34
CA ASN A 899 21.09 -2.74 8.65
C ASN A 899 20.71 -1.30 8.32
N THR A 900 21.67 -0.47 7.93
CA THR A 900 21.35 0.94 7.69
C THR A 900 20.57 1.12 6.40
N ALA A 901 20.98 0.45 5.32
CA ALA A 901 20.27 0.58 4.05
C ALA A 901 18.85 0.07 4.17
N LEU A 902 18.67 -1.12 4.75
CA LEU A 902 17.35 -1.72 4.86
C LEU A 902 16.47 -0.97 5.85
N LEU A 903 17.05 -0.49 6.95
CA LEU A 903 16.25 0.30 7.89
C LEU A 903 15.84 1.63 7.29
N SER A 904 16.72 2.24 6.49
CA SER A 904 16.34 3.47 5.81
C SER A 904 15.21 3.22 4.82
N LEU A 905 15.29 2.11 4.06
CA LEU A 905 14.21 1.77 3.14
C LEU A 905 12.91 1.50 3.89
N VAL A 906 13.00 0.81 5.04
CA VAL A 906 11.81 0.49 5.82
C VAL A 906 11.18 1.76 6.37
N LEU A 907 12.00 2.68 6.89
CA LEU A 907 11.46 3.94 7.40
C LEU A 907 10.82 4.76 6.30
N MET A 908 11.47 4.83 5.13
CA MET A 908 10.90 5.57 4.01
C MET A 908 9.55 4.99 3.60
N ALA A 909 9.49 3.67 3.41
CA ALA A 909 8.25 3.03 3.00
C ALA A 909 7.17 3.16 4.06
N GLY A 910 7.54 3.01 5.33
CA GLY A 910 6.56 3.13 6.39
C GLY A 910 5.97 4.51 6.50
N THR A 911 6.82 5.55 6.42
CA THR A 911 6.30 6.91 6.47
C THR A 911 5.42 7.19 5.26
N PHE A 912 5.85 6.78 4.07
CA PHE A 912 5.03 7.01 2.88
C PHE A 912 3.68 6.32 3.01
N PHE A 913 3.66 5.08 3.49
CA PHE A 913 2.40 4.35 3.58
C PHE A 913 1.50 4.90 4.68
N ILE A 914 2.06 5.29 5.81
CA ILE A 914 1.24 5.87 6.86
C ILE A 914 0.62 7.19 6.39
N ALA A 915 1.42 8.05 5.74
CA ALA A 915 0.88 9.30 5.23
C ALA A 915 -0.16 9.08 4.15
N PHE A 916 0.09 8.15 3.22
CA PHE A 916 -0.86 7.87 2.16
C PHE A 916 -2.17 7.30 2.71
N PHE A 917 -2.08 6.37 3.65
CA PHE A 917 -3.29 5.79 4.21
C PHE A 917 -4.05 6.75 5.10
N LEU A 918 -3.37 7.66 5.79
CA LEU A 918 -4.10 8.71 6.49
C LEU A 918 -4.73 9.72 5.53
N ARG A 919 -4.08 10.01 4.40
CA ARG A 919 -4.74 10.84 3.39
C ARG A 919 -6.00 10.17 2.87
N LYS A 920 -5.95 8.86 2.62
CA LYS A 920 -7.16 8.14 2.22
C LYS A 920 -8.20 8.13 3.32
N PHE A 921 -7.78 7.96 4.58
CA PHE A 921 -8.70 7.96 5.70
C PHE A 921 -9.38 9.31 5.86
N LYS A 922 -8.71 10.40 5.46
CA LYS A 922 -9.37 11.70 5.47
C LYS A 922 -10.59 11.70 4.55
N ASN A 923 -10.48 11.07 3.38
CA ASN A 923 -11.58 10.95 2.45
C ASN A 923 -12.50 9.77 2.73
N SER A 924 -12.16 8.94 3.71
CA SER A 924 -12.99 7.76 4.02
C SER A 924 -14.18 8.19 4.86
N ARG A 925 -14.90 7.21 5.40
CA ARG A 925 -16.13 7.46 6.14
C ARG A 925 -16.19 6.59 7.38
N PHE A 926 -15.08 6.49 8.11
CA PHE A 926 -14.97 5.55 9.21
C PHE A 926 -15.04 6.19 10.59
N PHE A 927 -15.19 7.50 10.68
CA PHE A 927 -15.25 8.15 11.98
C PHE A 927 -16.21 9.33 11.90
N PRO A 928 -16.49 10.03 12.99
CA PRO A 928 -17.29 11.26 12.88
C PRO A 928 -16.65 12.24 11.91
N GLY A 929 -17.50 12.96 11.17
CA GLY A 929 -17.01 13.76 10.05
C GLY A 929 -15.99 14.80 10.45
N ARG A 930 -16.08 15.30 11.69
CA ARG A 930 -15.06 16.23 12.17
C ARG A 930 -13.75 15.52 12.48
N ILE A 931 -13.83 14.36 13.14
CA ILE A 931 -12.63 13.65 13.55
C ILE A 931 -11.88 13.12 12.34
N ARG A 932 -12.60 12.65 11.32
CA ARG A 932 -11.96 12.18 10.10
C ARG A 932 -11.10 13.28 9.49
N ARG A 933 -11.67 14.47 9.32
CA ARG A 933 -10.92 15.56 8.70
C ARG A 933 -9.78 16.03 9.59
N VAL A 934 -10.00 16.08 10.91
CA VAL A 934 -8.94 16.52 11.82
C VAL A 934 -7.75 15.57 11.75
N ILE A 935 -8.01 14.26 11.75
CA ILE A 935 -6.92 13.29 11.70
C ILE A 935 -6.27 13.31 10.33
N GLY A 936 -7.06 13.40 9.26
CA GLY A 936 -6.51 13.39 7.93
C GLY A 936 -5.63 14.60 7.62
N ASP A 937 -5.98 15.76 8.17
CA ASP A 937 -5.13 16.93 8.01
C ASP A 937 -3.78 16.74 8.70
N PHE A 938 -3.68 15.81 9.64
CA PHE A 938 -2.42 15.46 10.28
C PHE A 938 -1.79 14.22 9.66
N GLY A 939 -1.96 14.03 8.35
CA GLY A 939 -1.37 12.88 7.70
C GLY A 939 0.13 12.86 7.76
N VAL A 940 0.76 14.02 7.58
CA VAL A 940 2.21 14.15 7.60
C VAL A 940 2.75 14.21 9.02
N PRO A 941 2.24 15.05 9.91
CA PRO A 941 2.79 15.08 11.27
C PRO A 941 2.70 13.74 11.99
N ILE A 942 1.60 13.01 11.82
CA ILE A 942 1.45 11.73 12.51
C ILE A 942 2.39 10.69 11.92
N ALA A 943 2.52 10.65 10.60
CA ALA A 943 3.45 9.71 9.99
C ALA A 943 4.88 9.98 10.43
N ILE A 944 5.28 11.26 10.44
CA ILE A 944 6.63 11.60 10.87
C ILE A 944 6.83 11.23 12.33
N LEU A 945 5.85 11.51 13.19
CA LEU A 945 6.01 11.19 14.60
C LEU A 945 6.13 9.68 14.81
N ILE A 946 5.29 8.90 14.14
CA ILE A 946 5.31 7.45 14.33
C ILE A 946 6.63 6.86 13.82
N MET A 947 7.06 7.25 12.63
CA MET A 947 8.28 6.67 12.08
C MET A 947 9.55 7.30 12.66
N VAL A 948 9.42 8.34 13.47
CA VAL A 948 10.56 8.81 14.25
C VAL A 948 10.63 8.09 15.59
N LEU A 949 9.47 7.81 16.21
CA LEU A 949 9.48 7.00 17.41
C LEU A 949 9.96 5.58 17.13
N VAL A 950 9.60 5.03 15.98
CA VAL A 950 10.07 3.69 15.61
C VAL A 950 11.59 3.66 15.51
N ASP A 951 12.17 4.68 14.86
CA ASP A 951 13.63 4.72 14.74
C ASP A 951 14.29 5.08 16.07
N TYR A 952 13.57 5.77 16.95
CA TYR A 952 14.11 6.04 18.28
C TYR A 952 14.17 4.78 19.12
N SER A 953 13.17 3.89 18.97
CA SER A 953 13.17 2.66 19.74
C SER A 953 14.36 1.78 19.39
N ILE A 954 14.71 1.70 18.10
CA ILE A 954 15.88 0.94 17.69
C ILE A 954 17.12 1.59 18.26
N GLU A 955 17.96 0.78 18.92
CA GLU A 955 19.04 1.31 19.74
C GLU A 955 20.40 1.30 19.05
N ASP A 956 20.75 0.22 18.34
CA ASP A 956 22.11 0.05 17.85
C ASP A 956 22.29 0.41 16.39
N THR A 957 21.22 0.35 15.57
CA THR A 957 21.36 0.60 14.14
C THR A 957 21.62 2.08 13.87
N TYR A 958 22.41 2.35 12.84
CA TYR A 958 22.75 3.70 12.44
C TYR A 958 21.87 4.14 11.28
N THR A 959 21.22 5.29 11.44
CA THR A 959 20.47 5.94 10.37
C THR A 959 20.86 7.41 10.34
N GLN A 960 20.97 7.96 9.13
CA GLN A 960 21.40 9.35 8.99
C GLN A 960 20.34 10.29 9.52
N LYS A 961 20.75 11.23 10.37
CA LYS A 961 19.82 12.15 11.00
C LYS A 961 19.82 13.50 10.28
N LEU A 962 18.85 14.34 10.65
CA LEU A 962 18.63 15.58 9.90
C LEU A 962 19.81 16.52 10.01
N SER A 963 20.42 16.63 11.21
CA SER A 963 21.65 17.38 11.42
C SER A 963 21.46 18.88 11.10
N VAL A 964 20.58 19.50 11.87
CA VAL A 964 20.50 20.97 11.91
C VAL A 964 21.67 21.45 12.76
N PRO A 965 22.19 22.65 12.54
CA PRO A 965 23.28 23.15 13.38
C PRO A 965 22.78 23.75 14.68
N SER A 966 23.70 24.33 15.46
CA SER A 966 23.35 24.91 16.75
C SER A 966 22.45 26.14 16.55
N GLY A 967 22.03 26.73 17.66
CA GLY A 967 21.12 27.85 17.63
C GLY A 967 21.65 29.07 16.90
N PHE A 968 20.98 29.43 15.81
CA PHE A 968 21.31 30.61 15.00
C PHE A 968 22.77 30.59 14.55
N SER A 969 23.11 29.58 13.77
CA SER A 969 24.45 29.42 13.22
C SER A 969 24.35 28.97 11.78
N VAL A 970 25.43 29.18 11.04
CA VAL A 970 25.53 28.71 9.67
C VAL A 970 25.84 27.23 9.68
N THR A 971 25.32 26.50 8.69
CA THR A 971 25.58 25.07 8.60
C THR A 971 27.06 24.78 8.38
N ALA A 972 27.77 25.68 7.71
CA ALA A 972 29.21 25.54 7.47
C ALA A 972 29.90 26.82 7.93
N PRO A 973 30.10 26.98 9.23
CA PRO A 973 30.73 28.22 9.73
C PRO A 973 32.13 28.44 9.18
N GLU A 974 32.88 27.37 8.93
CA GLU A 974 34.24 27.52 8.41
C GLU A 974 34.23 28.04 6.97
N LYS A 975 33.28 27.55 6.16
CA LYS A 975 33.26 27.92 4.75
C LYS A 975 32.76 29.34 4.52
N ARG A 976 31.70 29.74 5.22
CA ARG A 976 31.03 31.00 4.92
C ARG A 976 30.49 31.63 6.19
N GLY A 977 30.38 32.96 6.15
CA GLY A 977 29.69 33.71 7.18
C GLY A 977 28.28 34.07 6.75
N TRP A 978 27.64 34.92 7.57
CA TRP A 978 26.29 35.36 7.25
C TRP A 978 26.27 36.28 6.03
N VAL A 979 27.13 37.29 6.03
CA VAL A 979 27.16 38.28 4.95
C VAL A 979 28.12 37.79 3.88
N ILE A 980 27.60 37.54 2.68
CA ILE A 980 28.43 37.11 1.56
C ILE A 980 29.03 38.32 0.89
N ASN A 981 30.35 38.32 0.73
CA ASN A 981 31.02 39.43 0.08
C ASN A 981 30.69 39.41 -1.40
N PRO A 982 30.10 40.47 -1.95
CA PRO A 982 29.73 40.44 -3.38
C PRO A 982 30.92 40.61 -4.30
N LEU A 983 31.99 41.25 -3.82
CA LEU A 983 33.18 41.43 -4.65
C LEU A 983 33.97 40.13 -4.77
N GLY A 984 33.96 39.30 -3.74
CA GLY A 984 34.67 38.04 -3.76
C GLY A 984 34.96 37.56 -2.35
N GLU A 985 34.77 36.27 -2.10
CA GLU A 985 34.93 35.70 -0.77
C GLU A 985 36.14 34.78 -0.79
N LYS A 986 37.28 35.29 -0.31
CA LYS A 986 38.57 34.60 -0.28
C LYS A 986 39.08 34.25 -1.66
N SER A 987 38.45 34.77 -2.71
CA SER A 987 38.86 34.53 -4.09
C SER A 987 38.26 35.62 -4.98
N PRO A 988 39.07 36.30 -5.79
CA PRO A 988 38.55 37.43 -6.56
C PRO A 988 37.51 37.02 -7.59
N PHE A 989 36.27 37.43 -7.37
CA PHE A 989 35.20 37.08 -8.30
C PHE A 989 35.39 37.85 -9.60
N PRO A 990 35.39 37.18 -10.75
CA PRO A 990 35.71 37.87 -12.01
C PRO A 990 34.61 38.82 -12.44
N VAL A 991 35.00 39.83 -13.21
CA VAL A 991 34.07 40.86 -13.64
C VAL A 991 33.17 40.40 -14.78
N TRP A 992 33.54 39.34 -15.50
CA TRP A 992 32.66 38.86 -16.55
C TRP A 992 31.42 38.18 -16.01
N MET A 993 31.53 37.47 -14.88
CA MET A 993 30.38 36.77 -14.32
C MET A 993 29.39 37.67 -13.63
N MET A 994 29.83 38.77 -13.02
CA MET A 994 28.89 39.69 -12.39
C MET A 994 28.01 40.38 -13.41
N VAL A 995 28.37 40.34 -14.70
CA VAL A 995 27.55 40.94 -15.75
C VAL A 995 26.86 39.82 -16.53
N ALA A 996 27.47 38.63 -16.55
CA ALA A 996 26.88 37.49 -17.23
C ALA A 996 25.82 36.80 -16.41
N SER A 997 25.71 37.11 -15.11
CA SER A 997 24.67 36.51 -14.30
C SER A 997 23.27 36.97 -14.68
N LEU A 998 23.14 37.79 -15.73
CA LEU A 998 21.80 38.16 -16.20
C LEU A 998 21.04 36.93 -16.67
N LEU A 999 21.71 36.04 -17.41
CA LEU A 999 21.03 34.84 -17.90
C LEU A 999 20.54 33.93 -16.78
N PRO A 1000 21.36 33.55 -15.79
CA PRO A 1000 20.81 32.79 -14.67
C PRO A 1000 19.75 33.55 -13.92
N ALA A 1001 19.85 34.88 -13.83
CA ALA A 1001 18.79 35.65 -13.20
C ALA A 1001 17.49 35.54 -13.97
N ILE A 1002 17.56 35.58 -15.31
CA ILE A 1002 16.36 35.40 -16.12
C ILE A 1002 15.77 34.01 -15.89
N LEU A 1003 16.63 33.00 -15.83
CA LEU A 1003 16.14 31.63 -15.67
C LEU A 1003 15.51 31.42 -14.30
N VAL A 1004 16.08 32.03 -13.25
CA VAL A 1004 15.48 31.95 -11.93
C VAL A 1004 14.18 32.72 -11.88
N PHE A 1005 14.16 33.91 -12.49
CA PHE A 1005 12.96 34.73 -12.49
C PHE A 1005 11.83 34.04 -13.23
N ILE A 1006 12.16 33.23 -14.24
CA ILE A 1006 11.12 32.48 -14.94
C ILE A 1006 10.43 31.51 -13.98
N LEU A 1007 11.21 30.75 -13.22
CA LEU A 1007 10.62 29.80 -12.28
C LEU A 1007 9.83 30.53 -11.19
N ILE A 1008 10.41 31.60 -10.63
CA ILE A 1008 9.74 32.33 -9.56
C ILE A 1008 8.44 32.95 -10.07
N PHE A 1009 8.49 33.60 -11.23
CA PHE A 1009 7.32 34.23 -11.81
C PHE A 1009 6.25 33.20 -12.12
N MET A 1010 6.63 32.11 -12.79
CA MET A 1010 5.64 31.10 -13.14
C MET A 1010 4.97 30.55 -11.89
N GLU A 1011 5.75 30.13 -10.90
CA GLU A 1011 5.14 29.52 -9.72
C GLU A 1011 4.30 30.53 -8.93
N THR A 1012 4.84 31.71 -8.64
CA THR A 1012 4.11 32.67 -7.83
C THR A 1012 2.84 33.14 -8.53
N GLN A 1013 2.93 33.48 -9.82
CA GLN A 1013 1.77 33.99 -10.51
C GLN A 1013 0.75 32.89 -10.80
N ILE A 1014 1.18 31.66 -11.05
CA ILE A 1014 0.23 30.57 -11.18
C ILE A 1014 -0.49 30.32 -9.86
N THR A 1015 0.23 30.37 -8.74
CA THR A 1015 -0.43 30.22 -7.45
C THR A 1015 -1.42 31.34 -7.19
N THR A 1016 -1.04 32.58 -7.53
CA THR A 1016 -1.95 33.70 -7.33
C THR A 1016 -3.20 33.55 -8.19
N LEU A 1017 -3.04 33.06 -9.43
CA LEU A 1017 -4.21 32.76 -10.25
C LEU A 1017 -5.06 31.67 -9.61
N ILE A 1018 -4.43 30.63 -9.08
CA ILE A 1018 -5.16 29.49 -8.56
C ILE A 1018 -6.01 29.90 -7.36
N ILE A 1019 -5.44 30.69 -6.44
CA ILE A 1019 -6.16 31.03 -5.22
C ILE A 1019 -6.98 32.31 -5.34
N SER A 1020 -6.96 32.96 -6.51
CA SER A 1020 -7.78 34.16 -6.73
C SER A 1020 -9.04 33.88 -7.51
N LYS A 1021 -9.36 32.62 -7.78
CA LYS A 1021 -10.58 32.29 -8.52
C LYS A 1021 -11.81 32.75 -7.77
N LYS A 1022 -12.84 33.14 -8.52
CA LYS A 1022 -14.09 33.59 -7.91
C LYS A 1022 -14.74 32.50 -7.08
N GLU A 1023 -14.46 31.23 -7.38
CA GLU A 1023 -14.97 30.14 -6.55
C GLU A 1023 -14.41 30.21 -5.14
N ARG A 1024 -13.13 30.58 -5.01
CA ARG A 1024 -12.52 30.71 -3.71
C ARG A 1024 -13.17 31.80 -2.87
N MET A 1025 -13.80 32.79 -3.52
CA MET A 1025 -14.51 33.87 -2.84
C MET A 1025 -13.56 34.71 -1.98
N LEU A 1026 -12.51 35.21 -2.62
CA LEU A 1026 -11.58 36.13 -1.97
C LEU A 1026 -12.12 37.55 -2.14
N GLN A 1027 -12.62 38.12 -1.05
CA GLN A 1027 -13.27 39.43 -1.13
C GLN A 1027 -12.26 40.55 -1.35
N LYS A 1028 -11.16 40.53 -0.60
CA LYS A 1028 -10.21 41.64 -0.67
C LYS A 1028 -9.47 41.65 -2.01
N GLY A 1029 -9.08 40.48 -2.50
CA GLY A 1029 -8.41 40.41 -3.79
C GLY A 1029 -6.91 40.31 -3.69
N SER A 1030 -6.32 39.34 -4.39
CA SER A 1030 -4.89 39.15 -4.39
C SER A 1030 -4.20 40.15 -5.31
N GLY A 1031 -2.88 40.22 -5.20
CA GLY A 1031 -2.09 41.08 -6.05
C GLY A 1031 -1.09 40.31 -6.90
N PHE A 1032 -1.20 40.44 -8.22
CA PHE A 1032 -0.26 39.76 -9.10
C PHE A 1032 1.08 40.47 -9.14
N HIS A 1033 1.08 41.79 -9.08
CA HIS A 1033 2.31 42.57 -9.21
C HIS A 1033 3.01 42.79 -7.88
N LEU A 1034 2.26 43.11 -6.84
CA LEU A 1034 2.88 43.37 -5.54
C LEU A 1034 3.55 42.12 -4.99
N ASP A 1035 2.89 40.97 -5.09
CA ASP A 1035 3.50 39.73 -4.61
C ASP A 1035 4.73 39.37 -5.42
N LEU A 1036 4.67 39.51 -6.74
CA LEU A 1036 5.84 39.19 -7.56
C LEU A 1036 7.02 40.07 -7.20
N LEU A 1037 6.80 41.38 -7.08
CA LEU A 1037 7.89 42.27 -6.69
C LEU A 1037 8.41 41.93 -5.30
N LEU A 1038 7.51 41.75 -4.34
CA LEU A 1038 7.89 41.52 -2.96
C LEU A 1038 8.52 40.17 -2.73
N ILE A 1039 8.40 39.24 -3.68
CA ILE A 1039 9.07 37.96 -3.60
C ILE A 1039 10.39 37.97 -4.33
N VAL A 1040 10.44 38.50 -5.55
CA VAL A 1040 11.70 38.49 -6.28
C VAL A 1040 12.70 39.45 -5.67
N ALA A 1041 12.29 40.67 -5.30
CA ALA A 1041 13.22 41.60 -4.67
C ALA A 1041 13.68 41.07 -3.32
N MET A 1042 12.77 40.47 -2.55
CA MET A 1042 13.14 39.92 -1.26
C MET A 1042 14.14 38.78 -1.40
N GLY A 1043 13.93 37.89 -2.39
CA GLY A 1043 14.88 36.83 -2.64
C GLY A 1043 16.23 37.36 -3.11
N GLY A 1044 16.22 38.40 -3.94
CA GLY A 1044 17.46 39.00 -4.37
C GLY A 1044 18.26 39.60 -3.24
N ILE A 1045 17.56 40.24 -2.29
CA ILE A 1045 18.26 40.79 -1.12
C ILE A 1045 18.72 39.67 -0.19
N CYS A 1046 17.90 38.63 -0.02
CA CYS A 1046 18.29 37.51 0.83
C CYS A 1046 19.51 36.79 0.30
N ALA A 1047 19.65 36.68 -1.02
CA ALA A 1047 20.81 36.01 -1.60
C ALA A 1047 22.12 36.72 -1.24
N LEU A 1048 22.05 38.01 -0.87
CA LEU A 1048 23.23 38.70 -0.38
C LEU A 1048 23.70 38.11 0.95
N PHE A 1049 22.79 37.58 1.75
CA PHE A 1049 23.12 36.95 3.02
C PHE A 1049 23.21 35.44 2.93
N GLY A 1050 23.40 34.91 1.72
CA GLY A 1050 23.55 33.49 1.54
C GLY A 1050 22.32 32.67 1.87
N LEU A 1051 21.14 33.22 1.64
CA LEU A 1051 19.92 32.48 1.87
C LEU A 1051 19.26 32.13 0.53
N PRO A 1052 18.49 31.04 0.48
CA PRO A 1052 17.85 30.65 -0.78
C PRO A 1052 16.61 31.50 -1.08
N TRP A 1053 16.52 32.00 -2.30
CA TRP A 1053 15.31 32.68 -2.74
C TRP A 1053 14.15 31.69 -2.83
N LEU A 1054 12.95 32.20 -2.65
CA LEU A 1054 11.77 31.36 -2.54
C LEU A 1054 10.73 31.79 -3.57
N ALA A 1055 9.61 31.05 -3.58
CA ALA A 1055 8.50 31.34 -4.47
C ALA A 1055 7.24 30.78 -3.85
N ALA A 1056 6.13 31.52 -3.98
CA ALA A 1056 4.86 31.09 -3.43
C ALA A 1056 4.44 29.74 -4.00
N ALA A 1057 4.47 28.70 -3.17
CA ALA A 1057 4.20 27.35 -3.62
C ALA A 1057 2.70 27.09 -3.64
N THR A 1058 2.24 26.43 -4.70
CA THR A 1058 0.80 26.30 -4.91
C THR A 1058 0.16 25.32 -3.94
N VAL A 1059 0.85 24.23 -3.62
CA VAL A 1059 0.25 23.21 -2.76
C VAL A 1059 0.05 23.73 -1.35
N ARG A 1060 1.11 24.30 -0.77
CA ARG A 1060 1.00 24.85 0.58
C ARG A 1060 0.00 25.99 0.64
N SER A 1061 0.00 26.86 -0.38
CA SER A 1061 -0.92 27.99 -0.39
C SER A 1061 -2.36 27.52 -0.52
N VAL A 1062 -2.60 26.50 -1.35
CA VAL A 1062 -3.96 25.97 -1.50
C VAL A 1062 -4.43 25.31 -0.21
N THR A 1063 -3.53 24.58 0.46
CA THR A 1063 -3.90 24.00 1.76
C THR A 1063 -4.22 25.09 2.77
N HIS A 1064 -3.43 26.17 2.79
CA HIS A 1064 -3.72 27.28 3.70
C HIS A 1064 -5.05 27.93 3.38
N ALA A 1065 -5.34 28.15 2.09
CA ALA A 1065 -6.60 28.77 1.71
C ALA A 1065 -7.78 27.89 2.09
N ASN A 1066 -7.69 26.59 1.82
CA ASN A 1066 -8.75 25.68 2.21
C ASN A 1066 -8.90 25.59 3.72
N ALA A 1067 -7.82 25.84 4.46
CA ALA A 1067 -7.90 25.82 5.91
C ALA A 1067 -8.81 26.93 6.43
N LEU A 1068 -8.80 28.09 5.77
CA LEU A 1068 -9.59 29.23 6.21
C LEU A 1068 -10.97 29.31 5.58
N THR A 1069 -11.31 28.39 4.68
CA THR A 1069 -12.64 28.42 4.06
C THR A 1069 -13.71 28.04 5.07
N VAL A 1070 -14.82 28.80 5.04
CA VAL A 1070 -15.98 28.53 5.88
C VAL A 1070 -17.13 28.17 4.95
N MET A 1071 -17.68 26.98 5.11
CA MET A 1071 -18.78 26.52 4.26
C MET A 1071 -19.83 25.77 5.07
N VAL A 1086 -13.66 32.39 3.36
CA VAL A 1086 -12.22 32.54 3.57
C VAL A 1086 -11.97 33.62 4.63
N LYS A 1087 -11.16 33.27 5.63
CA LYS A 1087 -10.93 34.18 6.74
C LYS A 1087 -10.15 35.42 6.31
N GLU A 1088 -9.17 35.26 5.42
CA GLU A 1088 -8.34 36.37 4.94
C GLU A 1088 -7.64 37.08 6.09
N GLN A 1089 -6.75 36.36 6.75
CA GLN A 1089 -5.99 36.88 7.88
C GLN A 1089 -4.50 36.80 7.59
N ARG A 1090 -3.77 37.87 7.94
CA ARG A 1090 -2.31 37.86 7.84
C ARG A 1090 -1.67 37.06 8.96
N VAL A 1091 -2.28 37.07 10.15
CA VAL A 1091 -1.61 36.53 11.33
C VAL A 1091 -1.41 35.03 11.26
N THR A 1092 -2.22 34.29 10.50
CA THR A 1092 -1.98 32.86 10.37
C THR A 1092 -0.66 32.59 9.67
N GLY A 1093 -0.45 33.22 8.51
CA GLY A 1093 0.81 33.05 7.81
C GLY A 1093 1.98 33.63 8.58
N LEU A 1094 1.76 34.76 9.26
CA LEU A 1094 2.82 35.36 10.06
C LEU A 1094 3.26 34.42 11.18
N LEU A 1095 2.30 33.82 11.90
CA LEU A 1095 2.64 32.92 12.99
C LEU A 1095 3.26 31.64 12.47
N VAL A 1096 2.82 31.16 11.30
CA VAL A 1096 3.45 29.99 10.71
C VAL A 1096 4.91 30.29 10.38
N ALA A 1097 5.18 31.46 9.82
CA ALA A 1097 6.56 31.83 9.53
C ALA A 1097 7.38 31.95 10.81
N LEU A 1098 6.81 32.55 11.85
CA LEU A 1098 7.53 32.69 13.11
C LEU A 1098 7.82 31.33 13.74
N LEU A 1099 6.87 30.40 13.70
CA LEU A 1099 7.11 29.07 14.24
C LEU A 1099 8.14 28.31 13.43
N VAL A 1100 8.12 28.46 12.09
CA VAL A 1100 9.17 27.86 11.28
C VAL A 1100 10.52 28.43 11.68
N GLY A 1101 10.57 29.72 11.98
CA GLY A 1101 11.83 30.32 12.43
C GLY A 1101 12.29 29.80 13.78
N LEU A 1102 11.37 29.67 14.73
CA LEU A 1102 11.69 29.15 16.05
C LEU A 1102 12.02 27.66 16.04
N SER A 1103 11.67 26.96 14.96
CA SER A 1103 12.07 25.56 14.84
C SER A 1103 13.59 25.38 14.83
N ILE A 1104 14.36 26.43 14.57
CA ILE A 1104 15.81 26.32 14.74
C ILE A 1104 16.21 26.61 16.18
N VAL A 1105 15.40 27.35 16.93
CA VAL A 1105 15.58 27.43 18.37
C VAL A 1105 15.33 26.06 19.00
N ILE A 1106 14.38 25.30 18.43
CA ILE A 1106 14.20 23.92 18.87
C ILE A 1106 15.51 23.15 18.75
N GLY A 1107 16.20 23.30 17.62
CA GLY A 1107 17.50 22.70 17.45
C GLY A 1107 17.48 21.19 17.57
N ASP A 1108 17.98 20.67 18.68
CA ASP A 1108 17.80 19.26 18.99
C ASP A 1108 16.32 18.92 19.02
N LEU A 1109 16.02 17.64 18.88
CA LEU A 1109 14.71 17.05 18.59
C LEU A 1109 14.36 17.24 17.12
N LEU A 1110 15.13 18.02 16.36
CA LEU A 1110 15.07 17.99 14.91
C LEU A 1110 16.23 17.22 14.30
N ARG A 1111 17.36 17.12 14.99
CA ARG A 1111 18.47 16.28 14.56
C ARG A 1111 18.33 14.85 15.04
N GLN A 1112 17.16 14.47 15.53
CA GLN A 1112 16.84 13.08 15.81
C GLN A 1112 15.87 12.50 14.78
N ILE A 1113 15.42 13.30 13.83
CA ILE A 1113 14.55 12.83 12.75
C ILE A 1113 15.43 12.22 11.66
N PRO A 1114 15.34 10.91 11.42
CA PRO A 1114 16.17 10.33 10.36
C PRO A 1114 15.78 10.87 9.00
N LEU A 1115 16.78 10.94 8.10
CA LEU A 1115 16.50 11.45 6.76
C LEU A 1115 15.57 10.53 5.99
N ALA A 1116 15.52 9.25 6.34
CA ALA A 1116 14.64 8.33 5.66
C ALA A 1116 13.17 8.72 5.84
N VAL A 1117 12.81 9.18 7.03
CA VAL A 1117 11.44 9.61 7.29
C VAL A 1117 11.09 10.82 6.43
N LEU A 1118 12.00 11.80 6.37
CA LEU A 1118 11.74 12.99 5.58
C LEU A 1118 11.69 12.68 4.10
N PHE A 1119 12.48 11.71 3.63
CA PHE A 1119 12.40 11.32 2.22
C PHE A 1119 11.14 10.51 1.93
N GLY A 1120 10.62 9.78 2.91
CA GLY A 1120 9.30 9.17 2.75
C GLY A 1120 8.22 10.22 2.58
N ILE A 1121 8.26 11.26 3.40
CA ILE A 1121 7.31 12.37 3.23
C ILE A 1121 7.53 13.08 1.90
N PHE A 1122 8.80 13.18 1.48
CA PHE A 1122 9.12 13.76 0.18
C PHE A 1122 8.47 12.99 -0.96
N LEU A 1123 8.58 11.67 -0.94
CA LEU A 1123 7.94 10.83 -1.94
C LEU A 1123 6.43 10.91 -1.86
N TYR A 1124 5.87 10.99 -0.64
CA TYR A 1124 4.43 11.14 -0.50
C TYR A 1124 3.94 12.43 -1.13
N MET A 1125 4.64 13.54 -0.88
CA MET A 1125 4.27 14.81 -1.50
C MET A 1125 4.41 14.74 -3.02
N GLY A 1126 5.48 14.13 -3.52
CA GLY A 1126 5.66 14.01 -4.95
C GLY A 1126 4.56 13.20 -5.61
N VAL A 1127 4.13 12.11 -4.97
CA VAL A 1127 3.08 11.27 -5.55
C VAL A 1127 1.74 11.99 -5.49
N THR A 1128 1.41 12.62 -4.37
CA THR A 1128 0.09 13.23 -4.22
C THR A 1128 -0.04 14.55 -4.96
N SER A 1129 1.06 15.20 -5.33
CA SER A 1129 0.95 16.41 -6.14
C SER A 1129 0.56 16.10 -7.57
N LEU A 1130 0.76 14.85 -8.02
CA LEU A 1130 0.32 14.46 -9.35
C LEU A 1130 -1.20 14.44 -9.45
N ASN A 1131 -1.89 14.14 -8.35
CA ASN A 1131 -3.35 14.08 -8.36
C ASN A 1131 -3.93 15.42 -8.73
N GLY A 1132 -4.92 15.40 -9.62
CA GLY A 1132 -5.58 16.60 -10.08
C GLY A 1132 -5.01 17.21 -11.34
N ILE A 1133 -3.85 16.75 -11.79
CA ILE A 1133 -3.26 17.25 -13.03
C ILE A 1133 -3.95 16.56 -14.20
N GLN A 1134 -4.45 17.35 -15.14
CA GLN A 1134 -5.11 16.77 -16.30
C GLN A 1134 -4.13 16.02 -17.18
N PHE A 1135 -2.85 16.42 -17.17
CA PHE A 1135 -1.82 15.68 -17.87
C PHE A 1135 -1.71 14.26 -17.31
N TYR A 1136 -1.70 14.13 -15.99
CA TYR A 1136 -1.60 12.81 -15.38
C TYR A 1136 -2.83 11.97 -15.71
N GLU A 1137 -4.02 12.58 -15.66
CA GLU A 1137 -5.24 11.85 -15.98
C GLU A 1137 -5.21 11.36 -17.42
N ARG A 1138 -4.78 12.21 -18.36
CA ARG A 1138 -4.68 11.76 -19.74
C ARG A 1138 -3.53 10.79 -19.94
N LEU A 1139 -2.58 10.72 -19.01
CA LEU A 1139 -1.59 9.64 -19.06
C LEU A 1139 -2.19 8.32 -18.62
N HIS A 1140 -3.11 8.34 -17.64
CA HIS A 1140 -3.85 7.14 -17.30
C HIS A 1140 -4.63 6.62 -18.50
N LEU A 1141 -5.33 7.51 -19.20
CA LEU A 1141 -6.18 7.09 -20.30
C LEU A 1141 -5.39 6.55 -21.48
N LEU A 1142 -4.07 6.77 -21.50
CA LEU A 1142 -3.24 6.21 -22.57
C LEU A 1142 -3.18 4.70 -22.50
N LEU A 1143 -3.59 4.11 -21.37
CA LEU A 1143 -3.57 2.65 -21.17
C LEU A 1143 -4.95 2.04 -21.13
N MET A 1144 -5.94 2.75 -20.59
CA MET A 1144 -7.27 2.20 -20.44
C MET A 1144 -7.91 1.99 -21.81
N PRO A 1145 -8.85 1.03 -21.93
CA PRO A 1145 -9.58 0.87 -23.18
C PRO A 1145 -10.48 2.07 -23.42
N PRO A 1146 -10.78 2.38 -24.68
CA PRO A 1146 -11.59 3.59 -24.96
C PRO A 1146 -12.97 3.57 -24.32
N LYS A 1147 -13.51 2.40 -23.99
CA LYS A 1147 -14.84 2.36 -23.38
C LYS A 1147 -14.81 2.83 -21.93
N HIS A 1148 -13.67 2.69 -21.25
CA HIS A 1148 -13.60 2.98 -19.82
C HIS A 1148 -13.19 4.41 -19.51
N HIS A 1149 -12.95 5.25 -20.51
CA HIS A 1149 -12.55 6.62 -20.24
C HIS A 1149 -13.66 7.36 -19.51
N PRO A 1150 -13.34 8.22 -18.55
CA PRO A 1150 -14.38 8.94 -17.82
C PRO A 1150 -15.08 9.96 -18.70
N ASP A 1151 -16.29 10.33 -18.28
CA ASP A 1151 -17.12 11.26 -19.05
C ASP A 1151 -16.72 12.69 -18.70
N VAL A 1152 -15.68 13.16 -19.39
CA VAL A 1152 -15.17 14.52 -19.21
C VAL A 1152 -15.04 15.16 -20.59
N THR A 1153 -14.88 16.49 -20.58
CA THR A 1153 -14.99 17.26 -21.81
C THR A 1153 -13.93 16.88 -22.83
N TYR A 1154 -12.69 16.67 -22.39
CA TYR A 1154 -11.63 16.34 -23.33
C TYR A 1154 -11.69 14.90 -23.83
N VAL A 1155 -12.59 14.08 -23.28
CA VAL A 1155 -12.82 12.73 -23.76
C VAL A 1155 -14.01 12.66 -24.70
N LYS A 1156 -15.12 13.28 -24.31
CA LYS A 1156 -16.34 13.22 -25.12
C LYS A 1156 -16.17 13.94 -26.45
N LYS A 1157 -15.55 15.12 -26.43
CA LYS A 1157 -15.52 16.00 -27.59
C LYS A 1157 -14.24 15.91 -28.39
N VAL A 1158 -13.32 15.01 -28.04
CA VAL A 1158 -12.08 14.83 -28.78
C VAL A 1158 -11.95 13.36 -29.14
N ARG A 1159 -11.60 13.09 -30.39
CA ARG A 1159 -11.35 11.71 -30.80
C ARG A 1159 -10.18 11.14 -30.02
N THR A 1160 -10.28 9.86 -29.67
CA THR A 1160 -9.28 9.26 -28.79
C THR A 1160 -7.89 9.30 -29.40
N LEU A 1161 -7.78 9.04 -30.71
CA LEU A 1161 -6.48 9.14 -31.37
C LEU A 1161 -5.95 10.57 -31.39
N ARG A 1162 -6.79 11.56 -31.11
CA ARG A 1162 -6.34 12.94 -30.98
C ARG A 1162 -5.99 13.31 -29.55
N MET A 1163 -6.76 12.83 -28.58
CA MET A 1163 -6.39 13.02 -27.19
C MET A 1163 -5.05 12.38 -26.89
N HIS A 1164 -4.82 11.17 -27.42
CA HIS A 1164 -3.54 10.51 -27.22
C HIS A 1164 -2.43 11.19 -28.00
N LEU A 1165 -2.72 11.79 -29.15
CA LEU A 1165 -1.70 12.59 -29.83
C LEU A 1165 -1.29 13.78 -28.99
N PHE A 1166 -2.26 14.46 -28.37
CA PHE A 1166 -1.93 15.58 -27.50
C PHE A 1166 -1.13 15.11 -26.29
N THR A 1167 -1.51 13.99 -25.69
CA THR A 1167 -0.75 13.46 -24.56
C THR A 1167 0.66 13.07 -24.97
N ALA A 1168 0.82 12.51 -26.17
CA ALA A 1168 2.15 12.16 -26.66
C ALA A 1168 3.01 13.39 -26.90
N LEU A 1169 2.41 14.47 -27.43
CA LEU A 1169 3.18 15.70 -27.60
C LEU A 1169 3.59 16.30 -26.26
N GLN A 1170 2.69 16.29 -25.28
CA GLN A 1170 3.05 16.75 -23.95
C GLN A 1170 4.13 15.88 -23.32
N LEU A 1171 4.06 14.55 -23.52
CA LEU A 1171 5.12 13.66 -23.04
C LEU A 1171 6.44 13.97 -23.73
N LEU A 1172 6.42 14.28 -25.02
CA LEU A 1172 7.64 14.63 -25.72
C LEU A 1172 8.26 15.89 -25.15
N CYS A 1173 7.44 16.91 -24.88
CA CYS A 1173 7.95 18.12 -24.24
C CYS A 1173 8.50 17.85 -22.85
N LEU A 1174 7.81 17.03 -22.04
CA LEU A 1174 8.30 16.69 -20.72
C LEU A 1174 9.62 15.92 -20.78
N ALA A 1175 9.74 15.00 -21.74
CA ALA A 1175 10.98 14.24 -21.89
C ALA A 1175 12.13 15.12 -22.34
N LEU A 1176 11.86 16.07 -23.25
CA LEU A 1176 12.89 17.02 -23.62
C LEU A 1176 13.33 17.86 -22.44
N LEU A 1177 12.37 18.31 -21.62
CA LEU A 1177 12.73 19.05 -20.42
C LEU A 1177 13.58 18.23 -19.47
N TRP A 1178 13.21 16.96 -19.26
CA TRP A 1178 13.98 16.10 -18.36
C TRP A 1178 15.37 15.82 -18.89
N ALA A 1179 15.50 15.62 -20.21
CA ALA A 1179 16.82 15.39 -20.80
C ALA A 1179 17.69 16.63 -20.70
N VAL A 1180 17.12 17.82 -20.93
CA VAL A 1180 17.88 19.05 -20.77
C VAL A 1180 18.29 19.24 -19.32
N MET A 1181 17.41 18.88 -18.39
CA MET A 1181 17.72 19.02 -16.97
C MET A 1181 18.84 18.08 -16.55
N SER A 1182 18.85 16.86 -17.09
CA SER A 1182 19.83 15.86 -16.66
C SER A 1182 21.22 16.10 -17.25
N THR A 1183 21.30 16.68 -18.44
CA THR A 1183 22.58 16.85 -19.12
C THR A 1183 23.35 18.02 -18.51
N ALA A 1184 24.44 18.41 -19.17
CA ALA A 1184 25.26 19.50 -18.66
C ALA A 1184 24.62 20.86 -18.85
N ALA A 1185 23.64 20.97 -19.74
CA ALA A 1185 22.91 22.22 -19.92
C ALA A 1185 21.66 22.27 -19.06
N SER A 1186 21.82 22.05 -17.76
CA SER A 1186 20.69 22.10 -16.84
C SER A 1186 20.25 23.52 -16.54
N LEU A 1187 21.10 24.51 -16.78
CA LEU A 1187 20.72 25.89 -16.55
C LEU A 1187 19.61 26.32 -17.48
N ALA A 1188 19.63 25.81 -18.71
CA ALA A 1188 18.64 26.18 -19.72
C ALA A 1188 17.31 25.46 -19.53
N PHE A 1189 17.06 24.89 -18.36
CA PHE A 1189 15.83 24.15 -18.10
C PHE A 1189 14.63 25.08 -17.93
N PRO A 1190 14.74 26.24 -17.28
CA PRO A 1190 13.59 27.16 -17.27
C PRO A 1190 13.25 27.70 -18.64
N PHE A 1191 14.24 28.14 -19.41
CA PHE A 1191 13.96 28.72 -20.72
C PHE A 1191 13.23 27.73 -21.62
N ILE A 1192 13.75 26.51 -21.73
CA ILE A 1192 13.06 25.49 -22.52
C ILE A 1192 11.63 25.34 -22.05
N LEU A 1193 11.40 25.43 -20.73
CA LEU A 1193 10.05 25.33 -20.21
C LEU A 1193 9.13 26.37 -20.84
N ILE A 1194 9.54 27.65 -20.84
CA ILE A 1194 8.65 28.64 -21.43
C ILE A 1194 8.60 28.54 -22.94
N LEU A 1195 9.50 27.78 -23.56
CA LEU A 1195 9.35 27.51 -24.98
C LEU A 1195 8.11 26.69 -25.28
N THR A 1196 7.50 26.08 -24.26
CA THR A 1196 6.22 25.42 -24.48
C THR A 1196 5.07 26.42 -24.60
N VAL A 1197 5.30 27.69 -24.30
CA VAL A 1197 4.25 28.69 -24.45
C VAL A 1197 4.11 29.11 -25.91
N PRO A 1198 5.16 29.53 -26.62
CA PRO A 1198 5.00 29.76 -28.06
C PRO A 1198 4.59 28.53 -28.82
N LEU A 1199 5.09 27.36 -28.44
CA LEU A 1199 4.73 26.13 -29.15
C LEU A 1199 3.22 25.95 -29.19
N ARG A 1200 2.59 25.97 -28.02
CA ARG A 1200 1.14 25.81 -27.95
C ARG A 1200 0.43 26.92 -28.72
N MET A 1201 1.05 28.08 -28.86
CA MET A 1201 0.43 29.18 -29.59
C MET A 1201 0.79 29.20 -31.07
N VAL A 1202 1.77 28.41 -31.51
CA VAL A 1202 2.23 28.44 -32.88
C VAL A 1202 2.15 27.05 -33.54
N VAL A 1203 2.61 26.02 -32.83
CA VAL A 1203 2.65 24.68 -33.41
C VAL A 1203 1.36 23.92 -33.13
N LEU A 1204 1.03 23.76 -31.84
CA LEU A 1204 -0.12 22.94 -31.48
C LEU A 1204 -1.43 23.51 -32.01
N THR A 1205 -1.49 24.81 -32.28
CA THR A 1205 -2.71 25.35 -32.88
C THR A 1205 -2.81 25.02 -34.35
N ARG A 1206 -1.68 24.82 -35.03
CA ARG A 1206 -1.67 24.44 -36.44
C ARG A 1206 -1.72 22.93 -36.65
N ILE A 1207 -1.63 22.13 -35.60
CA ILE A 1207 -1.80 20.69 -35.68
C ILE A 1207 -3.23 20.35 -35.29
N PHE A 1208 -3.64 20.78 -34.11
CA PHE A 1208 -4.98 20.53 -33.62
C PHE A 1208 -5.93 21.60 -34.15
N THR A 1209 -7.22 21.36 -33.94
CA THR A 1209 -8.26 22.32 -34.29
C THR A 1209 -8.67 23.11 -33.06
N ASP A 1210 -9.45 24.16 -33.29
CA ASP A 1210 -9.90 24.99 -32.18
C ASP A 1210 -10.86 24.24 -31.27
N ARG A 1211 -11.70 23.37 -31.84
CA ARG A 1211 -12.61 22.58 -31.01
C ARG A 1211 -11.84 21.66 -30.07
N GLU A 1212 -10.75 21.05 -30.56
CA GLU A 1212 -9.97 20.16 -29.72
C GLU A 1212 -9.15 20.93 -28.68
N MET A 1213 -8.59 22.08 -29.08
CA MET A 1213 -7.76 22.84 -28.14
C MET A 1213 -8.59 23.49 -27.05
N LYS A 1214 -9.80 23.92 -27.37
CA LYS A 1214 -10.67 24.52 -26.35
C LYS A 1214 -11.09 23.51 -25.29
N CYS A 1215 -11.00 22.22 -25.58
CA CYS A 1215 -11.34 21.18 -24.62
C CYS A 1215 -10.13 20.58 -23.93
N LEU A 1216 -9.00 20.46 -24.63
CA LEU A 1216 -7.79 19.91 -24.03
C LEU A 1216 -7.06 20.95 -23.19
N ASP A 1217 -6.83 22.13 -23.76
CA ASP A 1217 -6.22 23.24 -23.01
C ASP A 1217 -7.27 24.16 -22.41
N ALA A 1218 -8.21 23.60 -21.67
CA ALA A 1218 -9.24 24.40 -21.02
C ALA A 1218 -8.63 25.18 -19.87
N ASN A 1219 -8.83 26.50 -19.87
CA ASN A 1219 -8.25 27.33 -18.81
C ASN A 1219 -8.84 26.97 -17.45
N GLU A 1220 -10.10 26.51 -17.44
CA GLU A 1220 -10.74 26.06 -16.21
C GLU A 1220 -11.66 24.90 -16.52
N ALA A 1221 -11.89 24.05 -15.51
CA ALA A 1221 -12.72 22.88 -15.67
C ALA A 1221 -13.28 22.42 -14.33
N ASP B 673 -33.29 -32.82 -3.34
CA ASP B 673 -32.00 -32.23 -2.97
C ASP B 673 -31.10 -33.29 -2.33
N PRO B 674 -29.78 -33.12 -2.49
CA PRO B 674 -28.86 -34.12 -1.94
C PRO B 674 -28.97 -34.30 -0.44
N LEU B 675 -29.32 -33.24 0.29
CA LEU B 675 -29.39 -33.30 1.75
C LEU B 675 -30.63 -34.01 2.26
N ARG B 676 -31.54 -34.43 1.39
CA ARG B 676 -32.71 -35.18 1.83
C ARG B 676 -32.27 -36.51 2.43
N ARG B 677 -32.88 -36.87 3.56
CA ARG B 677 -32.49 -38.04 4.33
C ARG B 677 -33.47 -39.17 4.04
N THR B 678 -32.94 -40.32 3.61
CA THR B 678 -33.73 -41.51 3.39
C THR B 678 -33.36 -42.59 4.40
N GLY B 679 -34.29 -43.52 4.63
CA GLY B 679 -34.09 -44.51 5.67
C GLY B 679 -32.96 -45.48 5.36
N ARG B 680 -32.77 -45.82 4.10
CA ARG B 680 -31.82 -46.86 3.74
C ARG B 680 -30.40 -46.45 4.14
N PRO B 681 -29.60 -47.36 4.67
CA PRO B 681 -28.22 -47.01 5.01
C PRO B 681 -27.44 -46.58 3.78
N PHE B 682 -26.54 -45.62 3.98
CA PHE B 682 -25.73 -45.07 2.90
C PHE B 682 -26.59 -44.53 1.77
N GLY B 683 -27.73 -43.93 2.14
CA GLY B 683 -28.61 -43.37 1.13
C GLY B 683 -27.97 -42.24 0.36
N GLY B 684 -27.32 -41.33 1.07
CA GLY B 684 -26.67 -40.21 0.41
C GLY B 684 -25.52 -40.65 -0.48
N LEU B 685 -24.71 -41.59 0.00
CA LEU B 685 -23.59 -42.08 -0.78
C LEU B 685 -24.06 -42.76 -2.06
N ILE B 686 -25.08 -43.61 -1.94
CA ILE B 686 -25.61 -44.30 -3.11
C ILE B 686 -26.23 -43.31 -4.09
N ARG B 687 -26.98 -42.33 -3.57
CA ARG B 687 -27.58 -41.34 -4.46
C ARG B 687 -26.52 -40.53 -5.18
N ASP B 688 -25.45 -40.15 -4.49
CA ASP B 688 -24.39 -39.37 -5.13
C ASP B 688 -23.66 -40.20 -6.19
N VAL B 689 -23.41 -41.48 -5.91
CA VAL B 689 -22.81 -42.35 -6.91
C VAL B 689 -23.71 -42.45 -8.13
N ARG B 690 -24.99 -42.75 -7.93
CA ARG B 690 -25.92 -42.91 -9.04
C ARG B 690 -26.21 -41.59 -9.75
N ARG B 691 -25.87 -40.46 -9.14
CA ARG B 691 -26.05 -39.16 -9.78
C ARG B 691 -24.83 -38.76 -10.60
N ARG B 692 -23.62 -39.03 -10.12
CA ARG B 692 -22.41 -38.53 -10.77
C ARG B 692 -21.69 -39.57 -11.62
N TYR B 693 -21.56 -40.82 -11.15
CA TYR B 693 -20.75 -41.79 -11.88
C TYR B 693 -21.26 -42.14 -13.27
N PRO B 694 -22.56 -42.06 -13.60
CA PRO B 694 -22.95 -42.22 -15.01
C PRO B 694 -22.33 -41.21 -15.94
N HIS B 695 -21.91 -40.04 -15.44
CA HIS B 695 -21.23 -39.03 -16.24
C HIS B 695 -19.71 -39.17 -16.20
N TYR B 696 -19.20 -40.38 -15.94
CA TYR B 696 -17.77 -40.55 -15.74
C TYR B 696 -17.01 -40.28 -17.03
N LEU B 697 -17.46 -40.84 -18.15
CA LEU B 697 -16.77 -40.60 -19.41
C LEU B 697 -16.97 -39.17 -19.90
N SER B 698 -18.15 -38.60 -19.65
CA SER B 698 -18.40 -37.21 -20.03
C SER B 698 -17.50 -36.26 -19.24
N ASP B 699 -17.13 -36.62 -18.02
CA ASP B 699 -16.22 -35.79 -17.24
C ASP B 699 -14.88 -35.62 -17.95
N PHE B 700 -14.36 -36.71 -18.54
CA PHE B 700 -13.12 -36.62 -19.30
C PHE B 700 -13.33 -36.00 -20.67
N ARG B 701 -14.48 -36.25 -21.30
CA ARG B 701 -14.74 -35.70 -22.62
C ARG B 701 -14.84 -34.17 -22.57
N ASP B 702 -15.46 -33.63 -21.52
CA ASP B 702 -15.67 -32.19 -21.41
C ASP B 702 -14.40 -31.41 -21.16
N ALA B 703 -13.28 -32.09 -20.89
CA ALA B 703 -12.05 -31.41 -20.55
C ALA B 703 -11.23 -31.00 -21.75
N LEU B 704 -11.69 -31.29 -22.97
CA LEU B 704 -10.92 -31.00 -24.18
C LEU B 704 -10.93 -29.53 -24.56
N ASP B 705 -11.67 -28.69 -23.85
CA ASP B 705 -11.66 -27.27 -24.15
C ASP B 705 -10.29 -26.67 -23.85
N PRO B 706 -9.87 -25.67 -24.64
CA PRO B 706 -8.60 -24.99 -24.33
C PRO B 706 -8.63 -24.21 -23.02
N GLN B 707 -9.82 -23.89 -22.50
CA GLN B 707 -9.92 -23.20 -21.22
C GLN B 707 -9.44 -24.05 -20.05
N CYS B 708 -9.50 -25.37 -20.18
CA CYS B 708 -9.09 -26.24 -19.09
C CYS B 708 -7.61 -26.09 -18.77
N LEU B 709 -6.77 -25.94 -19.80
CA LEU B 709 -5.35 -25.74 -19.56
C LEU B 709 -5.10 -24.43 -18.83
N ALA B 710 -5.82 -23.37 -19.22
CA ALA B 710 -5.70 -22.10 -18.51
C ALA B 710 -6.13 -22.25 -17.06
N ALA B 711 -7.21 -22.99 -16.81
CA ALA B 711 -7.65 -23.23 -15.44
C ALA B 711 -6.59 -23.98 -14.64
N VAL B 712 -5.98 -24.99 -15.25
CA VAL B 712 -4.94 -25.76 -14.57
C VAL B 712 -3.78 -24.85 -14.19
N ILE B 713 -3.34 -24.02 -15.14
CA ILE B 713 -2.22 -23.11 -14.87
C ILE B 713 -2.61 -22.10 -13.79
N PHE B 714 -3.88 -21.65 -13.79
CA PHE B 714 -4.32 -20.68 -12.81
C PHE B 714 -4.27 -21.26 -11.40
N ILE B 715 -4.86 -22.44 -11.22
CA ILE B 715 -5.04 -22.98 -9.87
C ILE B 715 -3.88 -23.83 -9.39
N TYR B 716 -2.94 -24.20 -10.27
CA TYR B 716 -1.80 -24.99 -9.83
C TYR B 716 -0.98 -24.25 -8.78
N PHE B 717 -0.73 -22.96 -9.00
CA PHE B 717 0.04 -22.19 -8.03
C PHE B 717 -0.78 -21.89 -6.79
N ALA B 718 -2.08 -21.62 -6.96
CA ALA B 718 -2.96 -21.41 -5.82
C ALA B 718 -3.12 -22.66 -4.97
N ALA B 719 -2.77 -23.82 -5.49
CA ALA B 719 -2.72 -25.04 -4.69
C ALA B 719 -1.33 -25.32 -4.16
N LEU B 720 -0.28 -25.01 -4.94
CA LEU B 720 1.08 -25.35 -4.53
C LEU B 720 1.58 -24.42 -3.44
N SER B 721 1.37 -23.12 -3.57
CA SER B 721 1.89 -22.17 -2.58
C SER B 721 1.32 -22.41 -1.19
N PRO B 722 0.01 -22.59 -0.98
CA PRO B 722 -0.46 -22.97 0.36
C PRO B 722 0.14 -24.27 0.84
N ALA B 723 0.34 -25.23 -0.06
CA ALA B 723 0.91 -26.52 0.36
C ALA B 723 2.29 -26.33 0.95
N ILE B 724 3.17 -25.59 0.27
CA ILE B 724 4.53 -25.41 0.77
C ILE B 724 4.54 -24.51 2.01
N THR B 725 3.69 -23.48 2.05
CA THR B 725 3.64 -22.64 3.24
C THR B 725 3.25 -23.45 4.48
N PHE B 726 2.19 -24.26 4.34
CA PHE B 726 1.74 -25.04 5.49
C PHE B 726 2.70 -26.18 5.80
N GLY B 727 3.43 -26.68 4.81
CA GLY B 727 4.49 -27.63 5.10
C GLY B 727 5.61 -27.02 5.92
N GLY B 728 6.01 -25.80 5.58
CA GLY B 728 6.99 -25.10 6.40
C GLY B 728 6.49 -24.83 7.80
N LEU B 729 5.22 -24.43 7.93
CA LEU B 729 4.64 -24.22 9.25
C LEU B 729 4.64 -25.50 10.07
N LEU B 730 4.26 -26.62 9.44
CA LEU B 730 4.25 -27.90 10.16
C LEU B 730 5.65 -28.33 10.55
N GLY B 731 6.64 -28.10 9.68
CA GLY B 731 8.01 -28.43 10.02
C GLY B 731 8.51 -27.62 11.20
N GLU B 732 8.17 -26.32 11.23
CA GLU B 732 8.55 -25.49 12.37
C GLU B 732 7.86 -25.96 13.65
N LYS B 733 6.55 -26.19 13.59
CA LYS B 733 5.78 -26.42 14.81
C LYS B 733 6.00 -27.83 15.35
N THR B 734 6.07 -28.82 14.48
CA THR B 734 6.13 -30.22 14.90
C THR B 734 7.53 -30.81 14.82
N GLN B 735 8.56 -29.98 14.75
CA GLN B 735 9.95 -30.43 14.73
C GLN B 735 10.24 -31.34 13.54
N ASP B 736 9.80 -30.90 12.35
CA ASP B 736 10.06 -31.54 11.06
C ASP B 736 9.50 -32.95 10.96
N LEU B 737 8.66 -33.37 11.90
CA LEU B 737 7.99 -34.67 11.76
C LEU B 737 7.09 -34.68 10.54
N ILE B 738 6.32 -33.61 10.34
CA ILE B 738 5.53 -33.41 9.14
C ILE B 738 5.96 -32.08 8.54
N GLY B 739 6.28 -32.10 7.24
CA GLY B 739 6.82 -30.90 6.63
C GLY B 739 6.32 -30.63 5.22
N VAL B 740 7.19 -30.06 4.38
CA VAL B 740 6.80 -29.75 3.02
C VAL B 740 6.63 -31.01 2.19
N SER B 741 7.52 -32.01 2.39
CA SER B 741 7.43 -33.22 1.60
C SER B 741 6.18 -34.02 1.93
N GLU B 742 5.92 -34.24 3.22
CA GLU B 742 4.74 -35.00 3.60
C GLU B 742 3.46 -34.31 3.15
N LEU B 743 3.39 -32.99 3.32
CA LEU B 743 2.19 -32.27 2.92
C LEU B 743 2.00 -32.26 1.41
N ILE B 744 3.09 -32.10 0.65
CA ILE B 744 2.99 -32.14 -0.80
C ILE B 744 2.52 -33.52 -1.26
N MET B 745 3.10 -34.57 -0.70
CA MET B 745 2.70 -35.92 -1.09
C MET B 745 1.25 -36.19 -0.72
N SER B 746 0.84 -35.79 0.49
CA SER B 746 -0.53 -36.01 0.91
C SER B 746 -1.51 -35.25 0.02
N THR B 747 -1.21 -33.98 -0.28
CA THR B 747 -2.08 -33.20 -1.14
C THR B 747 -2.19 -33.84 -2.52
N ALA B 748 -1.05 -34.25 -3.09
CA ALA B 748 -1.08 -34.85 -4.42
C ALA B 748 -1.83 -36.16 -4.43
N LEU B 749 -1.54 -37.05 -3.47
CA LEU B 749 -2.16 -38.37 -3.45
C LEU B 749 -3.66 -38.26 -3.21
N GLN B 750 -4.06 -37.45 -2.24
CA GLN B 750 -5.48 -37.31 -1.95
C GLN B 750 -6.20 -36.58 -3.08
N GLY B 751 -5.56 -35.59 -3.70
CA GLY B 751 -6.16 -34.96 -4.85
C GLY B 751 -6.38 -35.93 -6.00
N VAL B 752 -5.40 -36.78 -6.28
CA VAL B 752 -5.53 -37.74 -7.36
C VAL B 752 -6.66 -38.72 -7.07
N VAL B 753 -6.67 -39.28 -5.86
CA VAL B 753 -7.68 -40.30 -5.55
C VAL B 753 -9.07 -39.68 -5.51
N PHE B 754 -9.21 -38.47 -4.95
CA PHE B 754 -10.50 -37.82 -4.91
C PHE B 754 -10.99 -37.49 -6.32
N CYS B 755 -10.17 -36.81 -7.12
CA CYS B 755 -10.59 -36.45 -8.47
C CYS B 755 -10.89 -37.68 -9.31
N LEU B 756 -10.27 -38.82 -9.01
CA LEU B 756 -10.64 -40.04 -9.71
C LEU B 756 -11.94 -40.64 -9.19
N LEU B 757 -12.27 -40.44 -7.91
CA LEU B 757 -13.41 -41.10 -7.31
C LEU B 757 -14.46 -40.16 -6.71
N GLY B 758 -14.14 -38.88 -6.51
CA GLY B 758 -15.05 -38.00 -5.82
C GLY B 758 -16.27 -37.64 -6.67
N ALA B 759 -17.33 -37.25 -5.99
CA ALA B 759 -18.54 -36.83 -6.68
C ALA B 759 -18.41 -35.44 -7.29
N GLN B 760 -17.62 -34.56 -6.69
CA GLN B 760 -17.40 -33.21 -7.20
C GLN B 760 -15.91 -32.97 -7.31
N PRO B 761 -15.28 -33.37 -8.42
CA PRO B 761 -13.85 -33.13 -8.59
C PRO B 761 -13.47 -31.66 -8.62
N LEU B 762 -14.43 -30.76 -8.86
CA LEU B 762 -14.12 -29.33 -8.79
C LEU B 762 -13.71 -28.91 -7.39
N LEU B 763 -14.00 -29.72 -6.38
CA LEU B 763 -13.44 -29.47 -5.06
C LEU B 763 -11.93 -29.59 -5.11
N VAL B 764 -11.24 -28.62 -4.52
CA VAL B 764 -9.78 -28.66 -4.44
C VAL B 764 -9.42 -29.03 -3.00
N ILE B 765 -8.80 -30.19 -2.85
CA ILE B 765 -8.43 -30.71 -1.54
C ILE B 765 -7.06 -30.16 -1.17
N GLY B 766 -6.95 -29.59 0.02
CA GLY B 766 -5.69 -29.05 0.47
C GLY B 766 -5.71 -28.78 1.96
N PHE B 767 -4.52 -28.67 2.53
CA PHE B 767 -4.38 -28.37 3.94
C PHE B 767 -4.86 -26.95 4.24
N SER B 768 -5.60 -26.81 5.32
CA SER B 768 -6.22 -25.54 5.69
C SER B 768 -5.64 -25.02 6.99
N GLY B 769 -5.96 -23.77 7.30
CA GLY B 769 -5.50 -23.12 8.50
C GLY B 769 -5.94 -23.78 9.80
N PRO B 770 -7.25 -24.02 9.96
CA PRO B 770 -7.70 -24.68 11.19
C PRO B 770 -7.12 -26.06 11.39
N LEU B 771 -6.90 -26.82 10.31
CA LEU B 771 -6.25 -28.11 10.44
C LEU B 771 -4.83 -27.96 10.97
N LEU B 772 -4.10 -26.95 10.49
CA LEU B 772 -2.76 -26.68 11.02
C LEU B 772 -2.82 -26.32 12.49
N VAL B 773 -3.79 -25.48 12.87
CA VAL B 773 -3.91 -25.10 14.27
C VAL B 773 -4.18 -26.32 15.13
N PHE B 774 -5.07 -27.20 14.68
CA PHE B 774 -5.38 -28.37 15.48
C PHE B 774 -4.20 -29.33 15.55
N GLU B 775 -3.44 -29.48 14.46
CA GLU B 775 -2.28 -30.36 14.52
C GLU B 775 -1.22 -29.80 15.46
N GLU B 776 -1.03 -28.49 15.47
CA GLU B 776 -0.12 -27.89 16.44
C GLU B 776 -0.62 -28.12 17.86
N ALA B 777 -1.91 -27.97 18.10
CA ALA B 777 -2.47 -28.19 19.42
C ALA B 777 -2.29 -29.64 19.86
N PHE B 778 -2.52 -30.58 18.95
CA PHE B 778 -2.35 -31.99 19.29
C PHE B 778 -0.89 -32.34 19.53
N PHE B 779 0.02 -31.74 18.77
CA PHE B 779 1.45 -31.95 19.02
C PHE B 779 1.83 -31.43 20.39
N SER B 780 1.32 -30.25 20.77
CA SER B 780 1.59 -29.73 22.10
C SER B 780 1.02 -30.64 23.18
N PHE B 781 -0.18 -31.19 22.95
CA PHE B 781 -0.76 -32.13 23.89
C PHE B 781 0.12 -33.36 24.06
N CYS B 782 0.59 -33.91 22.94
CA CYS B 782 1.44 -35.11 23.00
C CYS B 782 2.76 -34.81 23.69
N SER B 783 3.36 -33.66 23.39
CA SER B 783 4.64 -33.31 24.02
C SER B 783 4.49 -33.11 25.52
N SER B 784 3.39 -32.47 25.95
CA SER B 784 3.19 -32.23 27.37
C SER B 784 3.00 -33.52 28.14
N ASN B 785 2.29 -34.49 27.56
CA ASN B 785 1.92 -35.71 28.26
C ASN B 785 2.80 -36.90 27.90
N HIS B 786 3.94 -36.65 27.23
CA HIS B 786 4.89 -37.70 26.87
C HIS B 786 4.23 -38.77 26.00
N LEU B 787 3.71 -38.32 24.86
CA LEU B 787 3.08 -39.19 23.88
C LEU B 787 3.68 -38.94 22.51
N GLU B 788 3.79 -40.00 21.72
CA GLU B 788 4.36 -39.87 20.38
C GLU B 788 3.34 -39.27 19.44
N TYR B 789 3.78 -38.28 18.66
CA TYR B 789 2.87 -37.49 17.84
C TYR B 789 2.24 -38.34 16.73
N LEU B 790 3.06 -39.08 15.99
CA LEU B 790 2.57 -39.71 14.79
C LEU B 790 1.69 -40.91 15.10
N VAL B 791 1.97 -41.64 16.18
CA VAL B 791 1.11 -42.75 16.55
C VAL B 791 -0.25 -42.25 17.04
N GLY B 792 -0.24 -41.15 17.80
CA GLY B 792 -1.49 -40.52 18.16
C GLY B 792 -2.28 -40.08 16.94
N ARG B 793 -1.60 -39.56 15.92
CA ARG B 793 -2.28 -39.22 14.68
C ARG B 793 -2.82 -40.45 13.96
N VAL B 794 -2.10 -41.57 14.04
CA VAL B 794 -2.59 -42.81 13.44
C VAL B 794 -3.91 -43.22 14.08
N TRP B 795 -3.98 -43.15 15.41
CA TRP B 795 -5.22 -43.57 16.07
C TRP B 795 -6.34 -42.56 15.87
N ILE B 796 -6.01 -41.27 15.78
CA ILE B 796 -7.01 -40.28 15.40
C ILE B 796 -7.55 -40.59 14.01
N GLY B 797 -6.68 -41.05 13.11
CA GLY B 797 -7.13 -41.40 11.78
C GLY B 797 -8.04 -42.62 11.76
N PHE B 798 -7.70 -43.63 12.56
CA PHE B 798 -8.58 -44.81 12.64
C PHE B 798 -9.97 -44.43 13.16
N TRP B 799 -10.00 -43.63 14.23
CA TRP B 799 -11.31 -43.18 14.72
C TRP B 799 -12.00 -42.27 13.71
N LEU B 800 -11.23 -41.50 12.93
CA LEU B 800 -11.83 -40.68 11.88
C LEU B 800 -12.52 -41.53 10.83
N VAL B 801 -11.89 -42.62 10.43
CA VAL B 801 -12.51 -43.53 9.46
C VAL B 801 -13.78 -44.11 10.04
N PHE B 802 -13.75 -44.52 11.31
CA PHE B 802 -14.96 -45.05 11.94
C PHE B 802 -16.07 -44.01 11.95
N LEU B 803 -15.76 -42.77 12.33
CA LEU B 803 -16.78 -41.72 12.39
C LEU B 803 -17.33 -41.41 11.01
N ALA B 804 -16.47 -41.38 9.99
CA ALA B 804 -16.95 -41.13 8.63
C ALA B 804 -17.89 -42.22 8.18
N LEU B 805 -17.54 -43.48 8.42
CA LEU B 805 -18.43 -44.57 8.04
C LEU B 805 -19.76 -44.45 8.77
N LEU B 806 -19.73 -44.15 10.08
CA LEU B 806 -20.97 -44.06 10.84
C LEU B 806 -21.85 -42.91 10.34
N MET B 807 -21.27 -41.72 10.15
CA MET B 807 -22.07 -40.58 9.73
C MET B 807 -22.64 -40.79 8.33
N VAL B 808 -21.84 -41.32 7.40
CA VAL B 808 -22.36 -41.54 6.06
C VAL B 808 -23.40 -42.65 6.06
N ALA B 809 -23.25 -43.66 6.92
CA ALA B 809 -24.27 -44.69 7.02
C ALA B 809 -25.59 -44.13 7.53
N LEU B 810 -25.53 -43.28 8.55
CA LEU B 810 -26.74 -42.70 9.11
C LEU B 810 -27.15 -41.40 8.42
N GLU B 811 -26.40 -40.96 7.41
CA GLU B 811 -26.70 -39.76 6.66
C GLU B 811 -26.81 -38.53 7.57
N GLY B 812 -25.73 -38.30 8.32
CA GLY B 812 -25.66 -37.12 9.15
C GLY B 812 -25.26 -35.86 8.43
N SER B 813 -24.96 -35.95 7.14
CA SER B 813 -24.50 -34.78 6.39
C SER B 813 -25.56 -33.69 6.34
N PHE B 814 -26.84 -34.03 6.53
CA PHE B 814 -27.88 -33.01 6.55
C PHE B 814 -27.68 -32.02 7.68
N LEU B 815 -26.84 -32.36 8.67
CA LEU B 815 -26.52 -31.42 9.72
C LEU B 815 -25.84 -30.16 9.18
N VAL B 816 -25.29 -30.21 7.97
CA VAL B 816 -24.73 -28.99 7.39
C VAL B 816 -25.81 -27.94 7.18
N ARG B 817 -27.08 -28.33 7.20
CA ARG B 817 -28.15 -27.34 7.16
C ARG B 817 -28.08 -26.43 8.37
N PHE B 818 -27.75 -26.98 9.54
CA PHE B 818 -27.81 -26.23 10.79
C PHE B 818 -26.63 -25.30 10.98
N VAL B 819 -25.59 -25.39 10.14
CA VAL B 819 -24.46 -24.48 10.23
C VAL B 819 -24.88 -23.19 9.54
N SER B 820 -25.33 -22.21 10.32
CA SER B 820 -25.90 -20.99 9.79
C SER B 820 -24.79 -20.09 9.24
N ARG B 821 -25.15 -18.87 8.84
CA ARG B 821 -24.13 -17.88 8.52
C ARG B 821 -23.37 -17.46 9.76
N PHE B 822 -24.06 -17.47 10.92
CA PHE B 822 -23.45 -17.05 12.17
C PHE B 822 -22.23 -17.89 12.52
N THR B 823 -22.20 -19.15 12.11
CA THR B 823 -21.07 -20.02 12.38
C THR B 823 -20.03 -19.99 11.25
N GLN B 824 -20.49 -19.99 10.00
CA GLN B 824 -19.56 -19.97 8.87
C GLN B 824 -18.70 -18.72 8.89
N GLU B 825 -19.29 -17.56 9.20
CA GLU B 825 -18.51 -16.33 9.18
C GLU B 825 -17.56 -16.23 10.35
N ILE B 826 -17.95 -16.72 11.52
CA ILE B 826 -17.01 -16.80 12.64
C ILE B 826 -15.85 -17.70 12.28
N PHE B 827 -16.13 -18.84 11.64
CA PHE B 827 -15.06 -19.76 11.26
C PHE B 827 -14.12 -19.13 10.24
N ALA B 828 -14.66 -18.46 9.23
CA ALA B 828 -13.80 -17.86 8.22
C ALA B 828 -12.97 -16.71 8.81
N PHE B 829 -13.58 -15.91 9.69
CA PHE B 829 -12.82 -14.86 10.36
C PHE B 829 -11.71 -15.45 11.21
N LEU B 830 -11.99 -16.58 11.87
CA LEU B 830 -10.96 -17.25 12.67
C LEU B 830 -9.81 -17.73 11.77
N ILE B 831 -10.15 -18.28 10.61
CA ILE B 831 -9.10 -18.74 9.68
C ILE B 831 -8.22 -17.57 9.26
N SER B 832 -8.84 -16.45 8.89
CA SER B 832 -8.05 -15.32 8.41
C SER B 832 -7.20 -14.71 9.54
N LEU B 833 -7.76 -14.63 10.74
CA LEU B 833 -6.98 -14.16 11.87
C LEU B 833 -5.82 -15.11 12.17
N ILE B 834 -6.03 -16.41 11.98
CA ILE B 834 -4.94 -17.37 12.15
C ILE B 834 -3.82 -17.08 11.16
N PHE B 835 -4.18 -16.85 9.89
CA PHE B 835 -3.16 -16.53 8.90
C PHE B 835 -2.36 -15.29 9.28
N ILE B 836 -3.07 -14.22 9.63
CA ILE B 836 -2.40 -12.96 9.95
C ILE B 836 -1.50 -13.13 11.17
N TYR B 837 -2.02 -13.79 12.22
CA TYR B 837 -1.24 -13.96 13.43
C TYR B 837 -0.01 -14.82 13.18
N GLU B 838 -0.14 -15.86 12.36
CA GLU B 838 1.03 -16.70 12.08
C GLU B 838 2.09 -15.94 11.30
N THR B 839 1.68 -15.13 10.32
CA THR B 839 2.69 -14.35 9.59
C THR B 839 3.40 -13.37 10.51
N PHE B 840 2.64 -12.65 11.34
CA PHE B 840 3.30 -11.66 12.19
C PHE B 840 4.12 -12.32 13.31
N TYR B 841 3.69 -13.48 13.79
CA TYR B 841 4.50 -14.18 14.78
C TYR B 841 5.79 -14.72 14.18
N LYS B 842 5.73 -15.18 12.93
CA LYS B 842 6.97 -15.56 12.26
C LYS B 842 7.88 -14.36 12.07
N LEU B 843 7.32 -13.21 11.74
CA LEU B 843 8.14 -12.01 11.59
C LEU B 843 8.81 -11.64 12.91
N VAL B 844 8.07 -11.69 14.01
CA VAL B 844 8.66 -11.40 15.31
C VAL B 844 9.72 -12.42 15.67
N LYS B 845 9.50 -13.69 15.33
CA LYS B 845 10.50 -14.71 15.58
C LYS B 845 11.78 -14.45 14.80
N ILE B 846 11.64 -13.99 13.55
CA ILE B 846 12.83 -13.62 12.77
C ILE B 846 13.54 -12.45 13.42
N PHE B 847 12.79 -11.44 13.87
CA PHE B 847 13.42 -10.28 14.49
C PHE B 847 14.04 -10.60 15.83
N GLN B 848 13.64 -11.70 16.46
CA GLN B 848 14.27 -12.12 17.71
C GLN B 848 15.45 -13.06 17.49
N GLU B 849 15.44 -13.84 16.41
CA GLU B 849 16.57 -14.71 16.11
C GLU B 849 17.75 -13.94 15.51
N HIS B 850 17.48 -12.86 14.78
CA HIS B 850 18.51 -12.06 14.13
C HIS B 850 18.32 -10.60 14.52
N PRO B 851 18.64 -10.25 15.75
CA PRO B 851 18.35 -8.90 16.23
C PRO B 851 19.21 -7.85 15.53
N LEU B 852 18.70 -6.63 15.54
CA LEU B 852 19.36 -5.50 14.87
C LEU B 852 20.49 -5.00 15.74
N HIS B 853 21.68 -5.55 15.52
CA HIS B 853 22.89 -5.13 16.21
C HIS B 853 24.01 -4.92 15.21
N GLY B 854 24.88 -3.98 15.52
CA GLY B 854 26.04 -3.73 14.69
C GLY B 854 27.15 -4.72 14.94
N CYS B 855 28.24 -4.54 14.20
CA CYS B 855 29.38 -5.44 14.31
C CYS B 855 30.59 -4.74 14.92
N PRO B 894 21.38 -20.45 11.73
CA PRO B 894 22.22 -19.29 12.04
C PRO B 894 21.47 -18.23 12.85
N ARG B 895 22.17 -17.57 13.76
CA ARG B 895 21.56 -16.56 14.62
C ARG B 895 22.46 -15.34 14.68
N GLY B 896 21.86 -14.19 14.91
CA GLY B 896 22.59 -12.95 15.00
C GLY B 896 23.04 -12.37 13.68
N GLN B 897 22.59 -12.92 12.56
CA GLN B 897 23.03 -12.45 11.26
C GLN B 897 22.48 -11.05 10.99
N PRO B 898 23.30 -10.14 10.49
CA PRO B 898 22.81 -8.80 10.16
C PRO B 898 22.03 -8.80 8.85
N ASN B 899 21.09 -7.84 8.75
CA ASN B 899 20.28 -7.59 7.57
C ASN B 899 19.23 -8.66 7.34
N THR B 900 19.26 -9.75 8.11
CA THR B 900 18.32 -10.84 7.87
C THR B 900 16.90 -10.48 8.30
N ALA B 901 16.75 -9.87 9.47
CA ALA B 901 15.42 -9.49 9.94
C ALA B 901 14.79 -8.46 9.02
N LEU B 902 15.54 -7.41 8.66
CA LEU B 902 15.00 -6.36 7.83
C LEU B 902 14.77 -6.84 6.40
N LEU B 903 15.65 -7.68 5.87
CA LEU B 903 15.42 -8.20 4.52
C LEU B 903 14.22 -9.13 4.50
N SER B 904 14.02 -9.92 5.56
CA SER B 904 12.83 -10.75 5.63
C SER B 904 11.57 -9.90 5.68
N LEU B 905 11.58 -8.83 6.48
CA LEU B 905 10.44 -7.93 6.52
C LEU B 905 10.20 -7.27 5.17
N VAL B 906 11.27 -6.86 4.49
CA VAL B 906 11.14 -6.22 3.19
C VAL B 906 10.58 -7.19 2.16
N LEU B 907 11.05 -8.44 2.15
CA LEU B 907 10.53 -9.43 1.22
C LEU B 907 9.06 -9.72 1.49
N MET B 908 8.70 -9.86 2.77
CA MET B 908 7.30 -10.11 3.12
C MET B 908 6.40 -8.97 2.66
N ALA B 909 6.79 -7.73 2.97
CA ALA B 909 5.98 -6.58 2.58
C ALA B 909 5.92 -6.43 1.07
N GLY B 910 7.04 -6.65 0.39
CA GLY B 910 7.04 -6.52 -1.05
C GLY B 910 6.16 -7.54 -1.74
N THR B 911 6.23 -8.81 -1.30
CA THR B 911 5.37 -9.82 -1.88
C THR B 911 3.90 -9.52 -1.61
N PHE B 912 3.58 -9.13 -0.37
CA PHE B 912 2.20 -8.81 -0.04
C PHE B 912 1.69 -7.67 -0.91
N PHE B 913 2.50 -6.62 -1.07
CA PHE B 913 2.04 -5.46 -1.83
C PHE B 913 1.94 -5.76 -3.32
N ILE B 914 2.88 -6.52 -3.87
CA ILE B 914 2.79 -6.88 -5.28
C ILE B 914 1.55 -7.72 -5.53
N ALA B 915 1.30 -8.73 -4.68
CA ALA B 915 0.11 -9.55 -4.85
C ALA B 915 -1.18 -8.75 -4.66
N PHE B 916 -1.23 -7.86 -3.68
CA PHE B 916 -2.42 -7.05 -3.45
C PHE B 916 -2.68 -6.10 -4.60
N PHE B 917 -1.63 -5.44 -5.11
CA PHE B 917 -1.81 -4.51 -6.20
C PHE B 917 -2.12 -5.21 -7.51
N LEU B 918 -1.61 -6.42 -7.75
CA LEU B 918 -2.06 -7.16 -8.91
C LEU B 918 -3.49 -7.67 -8.76
N ARG B 919 -3.93 -8.00 -7.54
CA ARG B 919 -5.34 -8.31 -7.33
C ARG B 919 -6.22 -7.11 -7.65
N LYS B 920 -5.81 -5.92 -7.23
CA LYS B 920 -6.54 -4.71 -7.59
C LYS B 920 -6.50 -4.46 -9.09
N PHE B 921 -5.35 -4.68 -9.72
CA PHE B 921 -5.23 -4.49 -11.17
C PHE B 921 -6.11 -5.44 -11.94
N LYS B 922 -6.39 -6.62 -11.38
CA LYS B 922 -7.34 -7.53 -12.01
C LYS B 922 -8.72 -6.88 -12.12
N ASN B 923 -9.14 -6.16 -11.07
CA ASN B 923 -10.41 -5.46 -11.06
C ASN B 923 -10.34 -4.07 -11.68
N SER B 924 -9.14 -3.61 -12.06
CA SER B 924 -8.99 -2.28 -12.62
C SER B 924 -9.40 -2.30 -14.10
N ARG B 925 -9.11 -1.21 -14.81
CA ARG B 925 -9.53 -1.04 -16.19
C ARG B 925 -8.40 -0.44 -17.02
N PHE B 926 -7.18 -0.93 -16.83
CA PHE B 926 -6.01 -0.31 -17.43
C PHE B 926 -5.43 -1.08 -18.61
N PHE B 927 -6.01 -2.21 -18.98
CA PHE B 927 -5.48 -2.97 -20.10
C PHE B 927 -6.64 -3.63 -20.85
N PRO B 928 -6.40 -4.32 -21.96
CA PRO B 928 -7.49 -5.07 -22.59
C PRO B 928 -8.10 -6.06 -21.62
N GLY B 929 -9.42 -6.23 -21.72
CA GLY B 929 -10.15 -6.97 -20.71
C GLY B 929 -9.67 -8.39 -20.52
N ARG B 930 -9.13 -9.01 -21.56
CA ARG B 930 -8.56 -10.34 -21.42
C ARG B 930 -7.22 -10.29 -20.70
N ILE B 931 -6.36 -9.33 -21.06
CA ILE B 931 -5.03 -9.24 -20.47
C ILE B 931 -5.11 -8.88 -19.00
N ARG B 932 -6.03 -7.99 -18.63
CA ARG B 932 -6.22 -7.64 -17.23
C ARG B 932 -6.50 -8.88 -16.39
N ARG B 933 -7.47 -9.69 -16.83
CA ARG B 933 -7.84 -10.88 -16.05
C ARG B 933 -6.72 -11.90 -16.06
N VAL B 934 -6.04 -12.07 -17.19
CA VAL B 934 -4.95 -13.05 -17.26
C VAL B 934 -3.84 -12.67 -16.30
N ILE B 935 -3.47 -11.39 -16.26
CA ILE B 935 -2.40 -10.96 -15.35
C ILE B 935 -2.86 -11.02 -13.90
N GLY B 936 -4.11 -10.61 -13.64
CA GLY B 936 -4.60 -10.62 -12.27
C GLY B 936 -4.74 -12.00 -11.69
N ASP B 937 -5.07 -12.99 -12.51
CA ASP B 937 -5.11 -14.37 -12.03
C ASP B 937 -3.72 -14.87 -11.63
N PHE B 938 -2.66 -14.22 -12.12
CA PHE B 938 -1.29 -14.53 -11.73
C PHE B 938 -0.79 -13.57 -10.67
N GLY B 939 -1.67 -13.12 -9.77
CA GLY B 939 -1.24 -12.22 -8.72
C GLY B 939 -0.21 -12.84 -7.79
N VAL B 940 -0.41 -14.11 -7.44
CA VAL B 940 0.49 -14.82 -6.53
C VAL B 940 1.73 -15.33 -7.25
N PRO B 941 1.63 -16.02 -8.40
CA PRO B 941 2.86 -16.49 -9.06
C PRO B 941 3.80 -15.36 -9.43
N ILE B 942 3.29 -14.23 -9.91
CA ILE B 942 4.15 -13.13 -10.30
C ILE B 942 4.82 -12.49 -9.10
N ALA B 943 4.06 -12.29 -8.01
CA ALA B 943 4.65 -11.73 -6.81
C ALA B 943 5.74 -12.63 -6.25
N ILE B 944 5.49 -13.94 -6.22
CA ILE B 944 6.49 -14.87 -5.72
C ILE B 944 7.72 -14.86 -6.62
N LEU B 945 7.53 -14.85 -7.94
CA LEU B 945 8.67 -14.84 -8.85
C LEU B 945 9.50 -13.58 -8.68
N ILE B 946 8.85 -12.43 -8.58
CA ILE B 946 9.58 -11.17 -8.48
C ILE B 946 10.35 -11.10 -7.17
N MET B 947 9.69 -11.44 -6.05
CA MET B 947 10.37 -11.32 -4.78
C MET B 947 11.29 -12.50 -4.49
N VAL B 948 11.32 -13.52 -5.34
CA VAL B 948 12.36 -14.53 -5.27
C VAL B 948 13.56 -14.13 -6.11
N LEU B 949 13.33 -13.50 -7.26
CA LEU B 949 14.44 -12.97 -8.04
C LEU B 949 15.15 -11.85 -7.28
N VAL B 950 14.39 -11.02 -6.56
CA VAL B 950 15.01 -9.95 -5.77
C VAL B 950 15.94 -10.54 -4.72
N ASP B 951 15.48 -11.58 -4.01
CA ASP B 951 16.33 -12.21 -3.00
C ASP B 951 17.47 -13.00 -3.62
N TYR B 952 17.29 -13.47 -4.85
CA TYR B 952 18.37 -14.16 -5.54
C TYR B 952 19.48 -13.18 -5.93
N SER B 953 19.10 -11.96 -6.31
CA SER B 953 20.10 -10.96 -6.70
C SER B 953 21.00 -10.61 -5.51
N ILE B 954 20.43 -10.47 -4.32
CA ILE B 954 21.23 -10.19 -3.14
C ILE B 954 22.14 -11.38 -2.87
N GLU B 955 23.43 -11.12 -2.69
CA GLU B 955 24.45 -12.16 -2.69
C GLU B 955 24.87 -12.60 -1.29
N ASP B 956 25.08 -11.66 -0.37
CA ASP B 956 25.72 -11.99 0.90
C ASP B 956 24.74 -12.15 2.06
N THR B 957 23.56 -11.54 1.99
CA THR B 957 22.62 -11.58 3.10
C THR B 957 22.01 -12.97 3.24
N TYR B 958 21.74 -13.37 4.48
CA TYR B 958 21.15 -14.66 4.78
C TYR B 958 19.65 -14.51 5.01
N THR B 959 18.86 -15.30 4.28
CA THR B 959 17.42 -15.40 4.49
C THR B 959 17.05 -16.88 4.53
N GLN B 960 16.11 -17.22 5.41
CA GLN B 960 15.73 -18.61 5.57
C GLN B 960 15.00 -19.11 4.33
N LYS B 961 15.42 -20.25 3.81
CA LYS B 961 14.86 -20.82 2.59
C LYS B 961 13.84 -21.89 2.92
N LEU B 962 13.11 -22.32 1.88
CA LEU B 962 11.98 -23.22 2.09
C LEU B 962 12.42 -24.57 2.63
N SER B 963 13.54 -25.10 2.11
CA SER B 963 14.16 -26.33 2.63
C SER B 963 13.22 -27.53 2.50
N VAL B 964 12.89 -27.86 1.25
CA VAL B 964 12.26 -29.14 0.94
C VAL B 964 13.37 -30.20 0.96
N PRO B 965 13.06 -31.46 1.29
CA PRO B 965 14.11 -32.48 1.27
C PRO B 965 14.37 -33.02 -0.11
N SER B 966 15.24 -34.04 -0.20
CA SER B 966 15.60 -34.63 -1.47
C SER B 966 14.39 -35.33 -2.10
N GLY B 967 14.60 -35.88 -3.30
CA GLY B 967 13.52 -36.51 -4.04
C GLY B 967 12.90 -37.69 -3.35
N PHE B 968 11.61 -37.56 -3.03
CA PHE B 968 10.82 -38.63 -2.40
C PHE B 968 11.49 -39.14 -1.13
N SER B 969 11.61 -38.24 -0.16
CA SER B 969 12.19 -38.57 1.14
C SER B 969 11.37 -37.89 2.22
N VAL B 970 11.52 -38.40 3.44
CA VAL B 970 10.88 -37.80 4.60
C VAL B 970 11.70 -36.59 5.04
N THR B 971 11.02 -35.57 5.56
CA THR B 971 11.72 -34.38 6.02
C THR B 971 12.65 -34.69 7.18
N ALA B 972 12.31 -35.69 8.00
CA ALA B 972 13.13 -36.12 9.13
C ALA B 972 13.35 -37.61 9.03
N PRO B 973 14.27 -38.06 8.15
CA PRO B 973 14.48 -39.50 8.00
C PRO B 973 14.94 -40.19 9.27
N GLU B 974 15.70 -39.49 10.12
CA GLU B 974 16.17 -40.11 11.35
C GLU B 974 15.02 -40.33 12.33
N LYS B 975 14.09 -39.39 12.41
CA LYS B 975 13.01 -39.47 13.40
C LYS B 975 11.96 -40.50 13.01
N ARG B 976 11.57 -40.55 11.74
CA ARG B 976 10.43 -41.35 11.33
C ARG B 976 10.64 -41.91 9.94
N GLY B 977 10.00 -43.04 9.67
CA GLY B 977 9.91 -43.59 8.34
C GLY B 977 8.58 -43.27 7.69
N TRP B 978 8.34 -43.91 6.54
CA TRP B 978 7.07 -43.68 5.84
C TRP B 978 5.91 -44.32 6.58
N VAL B 979 6.04 -45.57 6.98
CA VAL B 979 4.97 -46.29 7.64
C VAL B 979 5.09 -46.08 9.14
N ILE B 980 4.08 -45.46 9.74
CA ILE B 980 4.08 -45.22 11.17
C ILE B 980 3.53 -46.46 11.88
N ASN B 981 4.28 -46.96 12.84
CA ASN B 981 3.84 -48.14 13.58
C ASN B 981 2.68 -47.75 14.49
N PRO B 982 1.51 -48.37 14.35
CA PRO B 982 0.36 -47.95 15.17
C PRO B 982 0.46 -48.44 16.60
N LEU B 983 1.20 -49.53 16.82
CA LEU B 983 1.36 -50.04 18.18
C LEU B 983 2.32 -49.19 19.00
N GLY B 984 3.32 -48.62 18.36
CA GLY B 984 4.29 -47.77 19.03
C GLY B 984 5.57 -47.68 18.25
N GLU B 985 6.15 -46.48 18.15
CA GLU B 985 7.35 -46.25 17.34
C GLU B 985 8.49 -45.93 18.29
N LYS B 986 9.31 -46.93 18.58
CA LYS B 986 10.45 -46.85 19.49
C LYS B 986 10.03 -46.52 20.92
N SER B 987 8.74 -46.55 21.21
CA SER B 987 8.21 -46.28 22.54
C SER B 987 6.82 -46.87 22.64
N PRO B 988 6.54 -47.69 23.66
CA PRO B 988 5.23 -48.36 23.72
C PRO B 988 4.07 -47.40 23.88
N PHE B 989 3.23 -47.30 22.86
CA PHE B 989 2.09 -46.39 22.92
C PHE B 989 1.06 -46.95 23.89
N PRO B 990 0.60 -46.17 24.86
CA PRO B 990 -0.28 -46.71 25.89
C PRO B 990 -1.67 -47.04 25.35
N VAL B 991 -2.33 -47.99 26.03
CA VAL B 991 -3.63 -48.47 25.57
C VAL B 991 -4.76 -47.50 25.92
N TRP B 992 -4.54 -46.58 26.86
CA TRP B 992 -5.60 -45.62 27.16
C TRP B 992 -5.77 -44.59 26.06
N MET B 993 -4.68 -44.17 25.41
CA MET B 993 -4.76 -43.16 24.37
C MET B 993 -5.34 -43.68 23.05
N MET B 994 -5.10 -44.95 22.71
CA MET B 994 -5.68 -45.48 21.49
C MET B 994 -7.20 -45.58 21.56
N VAL B 995 -7.78 -45.49 22.76
CA VAL B 995 -9.22 -45.52 22.93
C VAL B 995 -9.72 -44.11 23.26
N ALA B 996 -8.85 -43.30 23.85
CA ALA B 996 -9.20 -41.91 24.16
C ALA B 996 -9.06 -40.98 22.97
N SER B 997 -8.43 -41.42 21.88
CA SER B 997 -8.33 -40.59 20.69
C SER B 997 -9.67 -40.37 20.02
N LEU B 998 -10.77 -40.88 20.57
CA LEU B 998 -12.07 -40.58 20.01
C LEU B 998 -12.37 -39.09 20.07
N LEU B 999 -12.06 -38.45 21.19
CA LEU B 999 -12.32 -37.02 21.32
C LEU B 999 -11.53 -36.18 20.31
N PRO B 1000 -10.21 -36.34 20.16
CA PRO B 1000 -9.53 -35.61 19.09
C PRO B 1000 -10.04 -35.97 17.71
N ALA B 1001 -10.47 -37.22 17.51
CA ALA B 1001 -11.06 -37.59 16.23
C ALA B 1001 -12.35 -36.83 15.98
N ILE B 1002 -13.19 -36.68 17.02
CA ILE B 1002 -14.40 -35.89 16.88
C ILE B 1002 -14.07 -34.45 16.56
N LEU B 1003 -13.06 -33.89 17.23
CA LEU B 1003 -12.71 -32.49 17.01
C LEU B 1003 -12.14 -32.26 15.62
N VAL B 1004 -11.35 -33.21 15.10
CA VAL B 1004 -10.85 -33.10 13.74
C VAL B 1004 -11.98 -33.27 12.74
N PHE B 1005 -12.87 -34.23 12.99
CA PHE B 1005 -13.98 -34.48 12.09
C PHE B 1005 -14.90 -33.28 12.02
N ILE B 1006 -15.01 -32.52 13.12
CA ILE B 1006 -15.82 -31.31 13.09
C ILE B 1006 -15.26 -30.32 12.09
N LEU B 1007 -13.95 -30.07 12.15
CA LEU B 1007 -13.32 -29.13 11.21
C LEU B 1007 -13.44 -29.63 9.78
N ILE B 1008 -13.14 -30.91 9.56
CA ILE B 1008 -13.19 -31.46 8.20
C ILE B 1008 -14.60 -31.41 7.65
N PHE B 1009 -15.59 -31.84 8.45
CA PHE B 1009 -16.98 -31.82 8.03
C PHE B 1009 -17.44 -30.40 7.73
N MET B 1010 -17.18 -29.47 8.66
CA MET B 1010 -17.63 -28.10 8.44
C MET B 1010 -17.03 -27.54 7.16
N GLU B 1011 -15.71 -27.64 6.99
CA GLU B 1011 -15.10 -27.04 5.82
C GLU B 1011 -15.54 -27.72 4.52
N THR B 1012 -15.49 -29.05 4.46
CA THR B 1012 -15.84 -29.74 3.22
C THR B 1012 -17.29 -29.53 2.86
N GLN B 1013 -18.21 -29.66 3.83
CA GLN B 1013 -19.62 -29.52 3.52
C GLN B 1013 -20.01 -28.08 3.24
N ILE B 1014 -19.38 -27.11 3.91
CA ILE B 1014 -19.64 -25.71 3.57
C ILE B 1014 -19.16 -25.42 2.16
N THR B 1015 -17.98 -25.94 1.79
CA THR B 1015 -17.51 -25.73 0.42
C THR B 1015 -18.44 -26.38 -0.59
N THR B 1016 -18.93 -27.59 -0.29
CA THR B 1016 -19.85 -28.26 -1.21
C THR B 1016 -21.14 -27.47 -1.34
N LEU B 1017 -21.64 -26.90 -0.25
CA LEU B 1017 -22.80 -26.02 -0.33
C LEU B 1017 -22.50 -24.80 -1.19
N ILE B 1018 -21.31 -24.21 -1.00
CA ILE B 1018 -20.97 -22.97 -1.69
C ILE B 1018 -20.92 -23.18 -3.20
N ILE B 1019 -20.27 -24.26 -3.65
CA ILE B 1019 -20.11 -24.46 -5.08
C ILE B 1019 -21.24 -25.26 -5.71
N SER B 1020 -22.24 -25.67 -4.95
CA SER B 1020 -23.39 -26.37 -5.50
C SER B 1020 -24.61 -25.48 -5.69
N LYS B 1021 -24.47 -24.17 -5.49
CA LYS B 1021 -25.59 -23.26 -5.65
C LYS B 1021 -26.09 -23.29 -7.10
N LYS B 1022 -27.40 -23.10 -7.26
CA LYS B 1022 -28.00 -23.09 -8.59
C LYS B 1022 -27.44 -21.97 -9.46
N GLU B 1023 -26.93 -20.89 -8.85
CA GLU B 1023 -26.28 -19.84 -9.62
C GLU B 1023 -25.03 -20.36 -10.32
N ARG B 1024 -24.28 -21.24 -9.65
CA ARG B 1024 -23.09 -21.82 -10.26
C ARG B 1024 -23.42 -22.67 -11.48
N MET B 1025 -24.65 -23.19 -11.56
CA MET B 1025 -25.12 -23.98 -12.69
C MET B 1025 -24.29 -25.25 -12.87
N LEU B 1026 -24.23 -26.03 -11.79
CA LEU B 1026 -23.60 -27.35 -11.81
C LEU B 1026 -24.62 -28.37 -12.26
N GLN B 1027 -24.48 -28.86 -13.50
CA GLN B 1027 -25.50 -29.74 -14.07
C GLN B 1027 -25.45 -31.12 -13.44
N LYS B 1028 -24.25 -31.69 -13.28
CA LYS B 1028 -24.14 -33.07 -12.79
C LYS B 1028 -24.52 -33.16 -11.32
N GLY B 1029 -24.11 -32.19 -10.51
CA GLY B 1029 -24.48 -32.19 -9.11
C GLY B 1029 -23.40 -32.74 -8.20
N SER B 1030 -23.08 -32.00 -7.14
CA SER B 1030 -22.07 -32.41 -6.19
C SER B 1030 -22.65 -33.45 -5.22
N GLY B 1031 -21.74 -34.06 -4.45
CA GLY B 1031 -22.14 -35.02 -3.45
C GLY B 1031 -21.73 -34.61 -2.05
N PHE B 1032 -22.70 -34.47 -1.15
CA PHE B 1032 -22.38 -34.11 0.22
C PHE B 1032 -21.83 -35.29 1.01
N HIS B 1033 -22.34 -36.49 0.74
CA HIS B 1033 -21.95 -37.67 1.51
C HIS B 1033 -20.73 -38.37 0.94
N LEU B 1034 -20.67 -38.52 -0.38
CA LEU B 1034 -19.54 -39.21 -1.00
C LEU B 1034 -18.24 -38.45 -0.77
N ASP B 1035 -18.26 -37.13 -0.94
CA ASP B 1035 -17.05 -36.35 -0.70
C ASP B 1035 -16.63 -36.39 0.76
N LEU B 1036 -17.58 -36.30 1.68
CA LEU B 1036 -17.24 -36.35 3.09
C LEU B 1036 -16.60 -37.69 3.45
N LEU B 1037 -17.19 -38.79 3.00
CA LEU B 1037 -16.60 -40.09 3.27
C LEU B 1037 -15.23 -40.22 2.63
N LEU B 1038 -15.12 -39.85 1.35
CA LEU B 1038 -13.90 -40.02 0.60
C LEU B 1038 -12.78 -39.10 1.06
N ILE B 1039 -13.09 -38.07 1.83
CA ILE B 1039 -12.09 -37.20 2.41
C ILE B 1039 -11.70 -37.64 3.81
N VAL B 1040 -12.67 -37.94 4.67
CA VAL B 1040 -12.34 -38.33 6.03
C VAL B 1040 -11.69 -39.70 6.07
N ALA B 1041 -12.22 -40.69 5.33
CA ALA B 1041 -11.59 -42.01 5.31
C ALA B 1041 -10.20 -41.95 4.68
N MET B 1042 -10.05 -41.15 3.62
CA MET B 1042 -8.75 -41.01 2.98
C MET B 1042 -7.74 -40.37 3.91
N GLY B 1043 -8.15 -39.33 4.65
CA GLY B 1043 -7.25 -38.74 5.63
C GLY B 1043 -6.90 -39.68 6.76
N GLY B 1044 -7.88 -40.48 7.20
CA GLY B 1044 -7.60 -41.46 8.24
C GLY B 1044 -6.59 -42.51 7.80
N ILE B 1045 -6.70 -42.95 6.55
CA ILE B 1045 -5.72 -43.92 6.04
C ILE B 1045 -4.37 -43.25 5.82
N CYS B 1046 -4.35 -42.01 5.33
CA CYS B 1046 -3.09 -41.31 5.13
C CYS B 1046 -2.35 -41.07 6.43
N ALA B 1047 -3.08 -40.80 7.51
CA ALA B 1047 -2.42 -40.61 8.80
C ALA B 1047 -1.64 -41.84 9.26
N LEU B 1048 -1.97 -43.03 8.74
CA LEU B 1048 -1.18 -44.21 9.03
C LEU B 1048 0.22 -44.09 8.43
N PHE B 1049 0.37 -43.36 7.32
CA PHE B 1049 1.66 -43.14 6.68
C PHE B 1049 2.27 -41.80 7.06
N GLY B 1050 1.84 -41.22 8.18
CA GLY B 1050 2.40 -39.97 8.64
C GLY B 1050 2.16 -38.78 7.73
N LEU B 1051 1.03 -38.75 7.05
CA LEU B 1051 0.68 -37.62 6.21
C LEU B 1051 -0.45 -36.83 6.84
N PRO B 1052 -0.54 -35.52 6.56
CA PRO B 1052 -1.61 -34.71 7.15
C PRO B 1052 -2.94 -34.91 6.44
N TRP B 1053 -4.00 -35.13 7.21
CA TRP B 1053 -5.33 -35.17 6.65
C TRP B 1053 -5.74 -33.79 6.13
N LEU B 1054 -6.60 -33.78 5.14
CA LEU B 1054 -6.95 -32.56 4.43
C LEU B 1054 -8.47 -32.35 4.45
N ALA B 1055 -8.88 -31.23 3.87
CA ALA B 1055 -10.29 -30.89 3.77
C ALA B 1055 -10.48 -29.97 2.57
N ALA B 1056 -11.57 -30.16 1.85
CA ALA B 1056 -11.87 -29.35 0.68
C ALA B 1056 -11.95 -27.88 1.05
N ALA B 1057 -10.97 -27.08 0.62
CA ALA B 1057 -10.89 -25.69 1.01
C ALA B 1057 -11.75 -24.84 0.09
N THR B 1058 -12.47 -23.88 0.69
CA THR B 1058 -13.48 -23.13 -0.06
C THR B 1058 -12.86 -22.16 -1.03
N VAL B 1059 -11.76 -21.50 -0.66
CA VAL B 1059 -11.18 -20.47 -1.52
C VAL B 1059 -10.60 -21.10 -2.79
N ARG B 1060 -9.79 -22.14 -2.63
CA ARG B 1060 -9.21 -22.80 -3.79
C ARG B 1060 -10.29 -23.42 -4.67
N SER B 1061 -11.29 -24.04 -4.05
CA SER B 1061 -12.36 -24.67 -4.82
C SER B 1061 -13.19 -23.64 -5.58
N VAL B 1062 -13.45 -22.49 -4.95
CA VAL B 1062 -14.21 -21.43 -5.62
C VAL B 1062 -13.40 -20.87 -6.78
N THR B 1063 -12.09 -20.68 -6.59
CA THR B 1063 -11.26 -20.21 -7.69
C THR B 1063 -11.26 -21.22 -8.84
N HIS B 1064 -11.18 -22.52 -8.52
CA HIS B 1064 -11.23 -23.54 -9.55
C HIS B 1064 -12.57 -23.52 -10.28
N ALA B 1065 -13.67 -23.40 -9.54
CA ALA B 1065 -14.99 -23.37 -10.17
C ALA B 1065 -15.15 -22.17 -11.08
N ASN B 1066 -14.72 -20.99 -10.60
CA ASN B 1066 -14.78 -19.79 -11.44
C ASN B 1066 -13.87 -19.90 -12.65
N ALA B 1067 -12.80 -20.70 -12.54
CA ALA B 1067 -11.91 -20.87 -13.69
C ALA B 1067 -12.62 -21.58 -14.83
N LEU B 1068 -13.51 -22.51 -14.52
CA LEU B 1068 -14.20 -23.29 -15.53
C LEU B 1068 -15.53 -22.69 -15.97
N THR B 1069 -15.96 -21.58 -15.37
CA THR B 1069 -17.22 -20.97 -15.77
C THR B 1069 -17.12 -20.35 -17.15
N VAL B 1070 -18.14 -20.57 -17.97
CA VAL B 1070 -18.25 -19.97 -19.30
C VAL B 1070 -19.45 -19.04 -19.29
N MET B 1071 -19.21 -17.77 -19.57
CA MET B 1071 -20.27 -16.78 -19.58
C MET B 1071 -20.11 -15.79 -20.73
N VAL B 1086 -19.96 -23.99 -16.54
CA VAL B 1086 -18.96 -24.75 -15.81
C VAL B 1086 -18.55 -26.00 -16.59
N LYS B 1087 -17.25 -26.18 -16.76
CA LYS B 1087 -16.76 -27.27 -17.59
C LYS B 1087 -17.04 -28.63 -16.98
N GLU B 1088 -16.91 -28.74 -15.66
CA GLU B 1088 -17.15 -30.00 -14.94
C GLU B 1088 -16.25 -31.11 -15.46
N GLN B 1089 -14.94 -30.95 -15.26
CA GLN B 1089 -13.95 -31.91 -15.69
C GLN B 1089 -13.14 -32.40 -14.49
N ARG B 1090 -12.88 -33.71 -14.47
CA ARG B 1090 -12.00 -34.28 -13.46
C ARG B 1090 -10.54 -34.00 -13.75
N VAL B 1091 -10.16 -33.96 -15.03
CA VAL B 1091 -8.75 -33.94 -15.40
C VAL B 1091 -8.05 -32.66 -14.96
N THR B 1092 -8.76 -31.55 -14.81
CA THR B 1092 -8.10 -30.34 -14.33
C THR B 1092 -7.60 -30.52 -12.90
N GLY B 1093 -8.47 -30.99 -12.00
CA GLY B 1093 -8.04 -31.25 -10.64
C GLY B 1093 -7.03 -32.37 -10.56
N LEU B 1094 -7.19 -33.40 -11.38
CA LEU B 1094 -6.24 -34.50 -11.40
C LEU B 1094 -4.85 -34.02 -11.80
N LEU B 1095 -4.76 -33.21 -12.86
CA LEU B 1095 -3.46 -32.72 -13.32
C LEU B 1095 -2.87 -31.73 -12.31
N VAL B 1096 -3.71 -30.93 -11.66
CA VAL B 1096 -3.20 -30.05 -10.61
C VAL B 1096 -2.59 -30.85 -9.48
N ALA B 1097 -3.27 -31.93 -9.07
CA ALA B 1097 -2.72 -32.79 -8.03
C ALA B 1097 -1.41 -33.44 -8.47
N LEU B 1098 -1.36 -33.91 -9.71
CA LEU B 1098 -0.14 -34.53 -10.21
C LEU B 1098 1.02 -33.53 -10.27
N LEU B 1099 0.76 -32.30 -10.71
CA LEU B 1099 1.81 -31.29 -10.74
C LEU B 1099 2.26 -30.90 -9.35
N VAL B 1100 1.33 -30.80 -8.39
CA VAL B 1100 1.72 -30.58 -7.01
C VAL B 1100 2.62 -31.71 -6.53
N GLY B 1101 2.31 -32.94 -6.93
CA GLY B 1101 3.16 -34.06 -6.55
C GLY B 1101 4.55 -34.00 -7.18
N LEU B 1102 4.62 -33.66 -8.47
CA LEU B 1102 5.90 -33.53 -9.16
C LEU B 1102 6.71 -32.34 -8.69
N SER B 1103 6.08 -31.38 -8.00
CA SER B 1103 6.83 -30.28 -7.43
C SER B 1103 7.88 -30.73 -6.42
N ILE B 1104 7.78 -31.95 -5.89
CA ILE B 1104 8.87 -32.47 -5.07
C ILE B 1104 9.94 -33.14 -5.93
N VAL B 1105 9.59 -33.58 -7.13
CA VAL B 1105 10.60 -33.97 -8.11
C VAL B 1105 11.41 -32.73 -8.51
N ILE B 1106 10.75 -31.57 -8.58
CA ILE B 1106 11.48 -30.33 -8.81
C ILE B 1106 12.56 -30.15 -7.75
N GLY B 1107 12.22 -30.39 -6.48
CA GLY B 1107 13.19 -30.36 -5.42
C GLY B 1107 13.87 -29.01 -5.28
N ASP B 1108 15.13 -28.93 -5.69
CA ASP B 1108 15.80 -27.64 -5.82
C ASP B 1108 14.99 -26.74 -6.75
N LEU B 1109 15.24 -25.43 -6.62
CA LEU B 1109 14.44 -24.33 -7.15
C LEU B 1109 13.20 -24.12 -6.31
N LEU B 1110 12.88 -25.02 -5.38
CA LEU B 1110 11.92 -24.73 -4.33
C LEU B 1110 12.58 -24.42 -3.00
N ARG B 1111 13.81 -24.90 -2.77
CA ARG B 1111 14.59 -24.53 -1.60
C ARG B 1111 15.40 -23.26 -1.81
N GLN B 1112 15.12 -22.52 -2.88
CA GLN B 1112 15.65 -21.18 -3.07
C GLN B 1112 14.61 -20.10 -2.83
N ILE B 1113 13.37 -20.49 -2.55
CA ILE B 1113 12.31 -19.54 -2.21
C ILE B 1113 12.44 -19.17 -0.74
N PRO B 1114 12.75 -17.93 -0.41
CA PRO B 1114 12.84 -17.56 1.02
C PRO B 1114 11.49 -17.68 1.70
N LEU B 1115 11.52 -18.01 2.99
CA LEU B 1115 10.28 -18.13 3.73
C LEU B 1115 9.56 -16.80 3.86
N ALA B 1116 10.28 -15.69 3.77
CA ALA B 1116 9.64 -14.39 3.87
C ALA B 1116 8.65 -14.18 2.72
N VAL B 1117 9.00 -14.62 1.52
CA VAL B 1117 8.11 -14.49 0.37
C VAL B 1117 6.82 -15.30 0.60
N LEU B 1118 6.98 -16.53 1.07
CA LEU B 1118 5.81 -17.37 1.30
C LEU B 1118 4.95 -16.83 2.44
N PHE B 1119 5.55 -16.22 3.45
CA PHE B 1119 4.75 -15.61 4.50
C PHE B 1119 4.09 -14.31 4.04
N GLY B 1120 4.68 -13.60 3.09
CA GLY B 1120 3.98 -12.49 2.46
C GLY B 1120 2.75 -12.96 1.72
N ILE B 1121 2.87 -14.04 0.96
CA ILE B 1121 1.70 -14.62 0.30
C ILE B 1121 0.69 -15.13 1.33
N PHE B 1122 1.19 -15.67 2.44
CA PHE B 1122 0.32 -16.12 3.52
C PHE B 1122 -0.51 -14.98 4.08
N LEU B 1123 0.12 -13.84 4.34
CA LEU B 1123 -0.59 -12.66 4.82
C LEU B 1123 -1.56 -12.12 3.77
N TYR B 1124 -1.17 -12.17 2.50
CA TYR B 1124 -2.06 -11.72 1.43
C TYR B 1124 -3.33 -12.58 1.38
N MET B 1125 -3.16 -13.91 1.46
CA MET B 1125 -4.32 -14.79 1.49
C MET B 1125 -5.18 -14.54 2.72
N GLY B 1126 -4.55 -14.36 3.88
CA GLY B 1126 -5.32 -14.09 5.08
C GLY B 1126 -6.13 -12.80 5.00
N VAL B 1127 -5.54 -11.75 4.43
CA VAL B 1127 -6.25 -10.49 4.31
C VAL B 1127 -7.37 -10.58 3.29
N THR B 1128 -7.10 -11.20 2.13
CA THR B 1128 -8.12 -11.23 1.07
C THR B 1128 -9.22 -12.24 1.33
N SER B 1129 -9.02 -13.22 2.21
CA SER B 1129 -10.11 -14.12 2.54
C SER B 1129 -11.16 -13.45 3.41
N LEU B 1130 -10.80 -12.35 4.08
CA LEU B 1130 -11.79 -11.60 4.85
C LEU B 1130 -12.81 -10.93 3.96
N ASN B 1131 -12.43 -10.56 2.74
CA ASN B 1131 -13.34 -9.91 1.82
C ASN B 1131 -14.52 -10.82 1.50
N GLY B 1132 -15.73 -10.25 1.53
CA GLY B 1132 -16.94 -10.98 1.26
C GLY B 1132 -17.63 -11.56 2.46
N ILE B 1133 -16.98 -11.56 3.62
CA ILE B 1133 -17.61 -12.04 4.85
C ILE B 1133 -18.53 -10.95 5.38
N GLN B 1134 -19.78 -11.30 5.63
CA GLN B 1134 -20.72 -10.33 6.18
C GLN B 1134 -20.34 -9.92 7.60
N PHE B 1135 -19.68 -10.80 8.34
CA PHE B 1135 -19.16 -10.43 9.65
C PHE B 1135 -18.15 -9.31 9.54
N TYR B 1136 -17.23 -9.41 8.57
CA TYR B 1136 -16.24 -8.36 8.39
C TYR B 1136 -16.89 -7.04 7.97
N GLU B 1137 -17.88 -7.12 7.07
CA GLU B 1137 -18.57 -5.90 6.65
C GLU B 1137 -19.28 -5.24 7.82
N ARG B 1138 -19.95 -6.03 8.66
CA ARG B 1138 -20.59 -5.46 9.84
C ARG B 1138 -19.59 -5.02 10.89
N LEU B 1139 -18.35 -5.50 10.82
CA LEU B 1139 -17.30 -4.92 11.66
C LEU B 1139 -16.86 -3.56 11.15
N HIS B 1140 -16.83 -3.37 9.83
CA HIS B 1140 -16.60 -2.04 9.28
C HIS B 1140 -17.65 -1.05 9.77
N LEU B 1141 -18.93 -1.46 9.69
CA LEU B 1141 -20.02 -0.55 10.04
C LEU B 1141 -20.04 -0.20 11.52
N LEU B 1142 -19.29 -0.94 12.34
CA LEU B 1142 -19.22 -0.61 13.76
C LEU B 1142 -18.50 0.72 14.00
N LEU B 1143 -17.80 1.23 12.99
CA LEU B 1143 -17.06 2.49 13.08
C LEU B 1143 -17.68 3.61 12.26
N MET B 1144 -18.25 3.29 11.11
CA MET B 1144 -18.80 4.31 10.23
C MET B 1144 -20.01 4.98 10.87
N PRO B 1145 -20.29 6.24 10.50
CA PRO B 1145 -21.50 6.89 11.00
C PRO B 1145 -22.73 6.23 10.40
N PRO B 1146 -23.87 6.27 11.10
CA PRO B 1146 -25.06 5.57 10.60
C PRO B 1146 -25.53 6.03 9.23
N LYS B 1147 -25.19 7.26 8.82
CA LYS B 1147 -25.64 7.73 7.52
C LYS B 1147 -24.87 7.08 6.38
N HIS B 1148 -23.64 6.62 6.62
CA HIS B 1148 -22.80 6.10 5.55
C HIS B 1148 -22.91 4.60 5.36
N HIS B 1149 -23.75 3.91 6.13
CA HIS B 1149 -23.88 2.48 5.96
C HIS B 1149 -24.43 2.15 4.57
N PRO B 1150 -23.96 1.09 3.93
CA PRO B 1150 -24.46 0.75 2.59
C PRO B 1150 -25.90 0.27 2.64
N ASP B 1151 -26.56 0.37 1.49
CA ASP B 1151 -27.97 0.00 1.38
C ASP B 1151 -28.07 -1.50 1.14
N VAL B 1152 -28.04 -2.25 2.24
CA VAL B 1152 -28.15 -3.70 2.23
C VAL B 1152 -29.21 -4.12 3.23
N THR B 1153 -29.65 -5.37 3.12
CA THR B 1153 -30.83 -5.82 3.84
C THR B 1153 -30.65 -5.75 5.35
N TYR B 1154 -29.49 -6.14 5.85
CA TYR B 1154 -29.27 -6.13 7.30
C TYR B 1154 -29.05 -4.73 7.86
N VAL B 1155 -28.94 -3.72 7.00
CA VAL B 1155 -28.82 -2.33 7.43
C VAL B 1155 -30.17 -1.63 7.38
N LYS B 1156 -30.90 -1.79 6.27
CA LYS B 1156 -32.18 -1.10 6.11
C LYS B 1156 -33.22 -1.61 7.09
N LYS B 1157 -33.30 -2.92 7.28
CA LYS B 1157 -34.39 -3.55 8.02
C LYS B 1157 -34.04 -3.87 9.47
N VAL B 1158 -32.86 -3.48 9.94
CA VAL B 1158 -32.45 -3.71 11.32
C VAL B 1158 -32.00 -2.39 11.91
N ARG B 1159 -32.47 -2.08 13.12
CA ARG B 1159 -32.02 -0.89 13.79
C ARG B 1159 -30.52 -0.99 14.07
N THR B 1160 -29.83 0.16 13.94
CA THR B 1160 -28.37 0.14 14.03
C THR B 1160 -27.89 -0.37 15.38
N LEU B 1161 -28.56 0.03 16.47
CA LEU B 1161 -28.19 -0.49 17.77
C LEU B 1161 -28.44 -1.99 17.91
N ARG B 1162 -29.21 -2.58 16.99
CA ARG B 1162 -29.40 -4.02 16.97
C ARG B 1162 -28.41 -4.72 16.07
N MET B 1163 -28.08 -4.13 14.92
CA MET B 1163 -27.02 -4.68 14.09
C MET B 1163 -25.70 -4.71 14.85
N HIS B 1164 -25.40 -3.63 15.57
CA HIS B 1164 -24.17 -3.60 16.36
C HIS B 1164 -24.24 -4.53 17.56
N LEU B 1165 -25.42 -4.77 18.12
CA LEU B 1165 -25.52 -5.79 19.16
C LEU B 1165 -25.21 -7.17 18.61
N PHE B 1166 -25.71 -7.48 17.41
CA PHE B 1166 -25.40 -8.76 16.78
C PHE B 1166 -23.90 -8.86 16.48
N THR B 1167 -23.30 -7.80 15.96
CA THR B 1167 -21.88 -7.82 15.69
C THR B 1167 -21.07 -7.97 16.97
N ALA B 1168 -21.51 -7.35 18.06
CA ALA B 1168 -20.81 -7.51 19.34
C ALA B 1168 -20.93 -8.92 19.87
N LEU B 1169 -22.09 -9.56 19.72
CA LEU B 1169 -22.22 -10.95 20.13
C LEU B 1169 -21.34 -11.87 19.30
N GLN B 1170 -21.28 -11.65 17.99
CA GLN B 1170 -20.37 -12.43 17.15
C GLN B 1170 -18.92 -12.19 17.53
N LEU B 1171 -18.55 -10.94 17.85
CA LEU B 1171 -17.19 -10.66 18.31
C LEU B 1171 -16.90 -11.35 19.63
N LEU B 1172 -17.89 -11.42 20.52
CA LEU B 1172 -17.69 -12.13 21.78
C LEU B 1172 -17.44 -13.61 21.55
N CYS B 1173 -18.21 -14.23 20.65
CA CYS B 1173 -17.97 -15.63 20.31
C CYS B 1173 -16.60 -15.82 19.67
N LEU B 1174 -16.20 -14.94 18.76
CA LEU B 1174 -14.88 -15.04 18.14
C LEU B 1174 -13.76 -14.88 19.16
N ALA B 1175 -13.92 -13.95 20.11
CA ALA B 1175 -12.90 -13.76 21.13
C ALA B 1175 -12.83 -14.96 22.07
N LEU B 1176 -13.96 -15.55 22.42
CA LEU B 1176 -13.93 -16.77 23.22
C LEU B 1176 -13.23 -17.90 22.48
N LEU B 1177 -13.50 -18.02 21.17
CA LEU B 1177 -12.80 -19.04 20.39
C LEU B 1177 -11.30 -18.79 20.37
N TRP B 1178 -10.89 -17.54 20.17
CA TRP B 1178 -9.47 -17.23 20.13
C TRP B 1178 -8.80 -17.46 21.47
N ALA B 1179 -9.48 -17.13 22.58
CA ALA B 1179 -8.91 -17.37 23.90
C ALA B 1179 -8.79 -18.86 24.19
N VAL B 1180 -9.79 -19.65 23.80
CA VAL B 1180 -9.71 -21.10 23.98
C VAL B 1180 -8.59 -21.67 23.12
N MET B 1181 -8.41 -21.13 21.91
CA MET B 1181 -7.35 -21.61 21.04
C MET B 1181 -5.97 -21.29 21.59
N SER B 1182 -5.81 -20.11 22.20
CA SER B 1182 -4.49 -19.69 22.67
C SER B 1182 -4.08 -20.38 23.97
N THR B 1183 -5.03 -20.74 24.82
CA THR B 1183 -4.71 -21.31 26.13
C THR B 1183 -4.31 -22.78 25.98
N ALA B 1184 -4.18 -23.47 27.11
CA ALA B 1184 -3.78 -24.87 27.09
C ALA B 1184 -4.87 -25.80 26.59
N ALA B 1185 -6.12 -25.34 26.61
CA ALA B 1185 -7.22 -26.14 26.08
C ALA B 1185 -7.49 -25.81 24.60
N SER B 1186 -6.46 -25.88 23.78
CA SER B 1186 -6.61 -25.61 22.35
C SER B 1186 -7.30 -26.76 21.62
N LEU B 1187 -7.30 -27.96 22.18
CA LEU B 1187 -7.96 -29.08 21.54
C LEU B 1187 -9.47 -28.86 21.46
N ALA B 1188 -10.03 -28.21 22.47
CA ALA B 1188 -11.47 -27.97 22.52
C ALA B 1188 -11.91 -26.81 21.65
N PHE B 1189 -11.09 -26.38 20.70
CA PHE B 1189 -11.42 -25.26 19.83
C PHE B 1189 -12.45 -25.62 18.78
N PRO B 1190 -12.43 -26.81 18.18
CA PRO B 1190 -13.55 -27.16 17.29
C PRO B 1190 -14.88 -27.29 18.00
N PHE B 1191 -14.91 -27.98 19.15
CA PHE B 1191 -16.18 -28.17 19.85
C PHE B 1191 -16.82 -26.84 20.21
N ILE B 1192 -16.06 -25.94 20.83
CA ILE B 1192 -16.59 -24.61 21.13
C ILE B 1192 -17.14 -23.96 19.89
N LEU B 1193 -16.48 -24.16 18.75
CA LEU B 1193 -16.98 -23.60 17.49
C LEU B 1193 -18.40 -24.06 17.20
N ILE B 1194 -18.67 -25.36 17.27
CA ILE B 1194 -20.03 -25.81 16.97
C ILE B 1194 -20.99 -25.45 18.08
N LEU B 1195 -20.49 -25.04 19.25
CA LEU B 1195 -21.39 -24.51 20.25
C LEU B 1195 -22.06 -23.21 19.81
N THR B 1196 -21.54 -22.58 18.75
CA THR B 1196 -22.24 -21.43 18.20
C THR B 1196 -23.46 -21.82 17.38
N VAL B 1197 -23.65 -23.11 17.11
CA VAL B 1197 -24.83 -23.56 16.38
C VAL B 1197 -26.03 -23.63 17.31
N PRO B 1198 -25.98 -24.33 18.45
CA PRO B 1198 -27.11 -24.25 19.39
C PRO B 1198 -27.37 -22.85 19.89
N LEU B 1199 -26.32 -22.06 20.13
CA LEU B 1199 -26.50 -20.70 20.62
C LEU B 1199 -27.42 -19.91 19.70
N ARG B 1200 -27.09 -19.86 18.41
CA ARG B 1200 -27.91 -19.13 17.46
C ARG B 1200 -29.32 -19.71 17.39
N MET B 1201 -29.49 -20.98 17.72
CA MET B 1201 -30.81 -21.60 17.68
C MET B 1201 -31.54 -21.53 19.02
N VAL B 1202 -30.86 -21.16 20.10
CA VAL B 1202 -31.47 -21.14 21.42
C VAL B 1202 -31.37 -19.76 22.08
N VAL B 1203 -30.20 -19.14 22.01
CA VAL B 1203 -29.99 -17.86 22.70
C VAL B 1203 -30.33 -16.69 21.77
N LEU B 1204 -29.65 -16.62 20.63
CA LEU B 1204 -29.82 -15.47 19.74
C LEU B 1204 -31.23 -15.36 19.20
N THR B 1205 -31.99 -16.45 19.15
CA THR B 1205 -33.38 -16.36 18.72
C THR B 1205 -34.26 -15.76 19.82
N ARG B 1206 -33.89 -15.94 21.09
CA ARG B 1206 -34.63 -15.38 22.20
C ARG B 1206 -34.19 -13.97 22.58
N ILE B 1207 -33.12 -13.47 21.97
CA ILE B 1207 -32.70 -12.09 22.17
C ILE B 1207 -33.22 -11.25 21.00
N PHE B 1208 -32.89 -11.66 19.78
CA PHE B 1208 -33.34 -10.96 18.60
C PHE B 1208 -34.73 -11.45 18.20
N THR B 1209 -35.34 -10.73 17.26
CA THR B 1209 -36.63 -11.12 16.70
C THR B 1209 -36.42 -11.85 15.39
N ASP B 1210 -37.51 -12.45 14.88
CA ASP B 1210 -37.42 -13.19 13.63
C ASP B 1210 -37.14 -12.26 12.45
N ARG B 1211 -37.69 -11.04 12.47
CA ARG B 1211 -37.42 -10.09 11.40
C ARG B 1211 -35.94 -9.74 11.35
N GLU B 1212 -35.30 -9.56 12.51
CA GLU B 1212 -33.89 -9.22 12.53
C GLU B 1212 -33.01 -10.41 12.15
N MET B 1213 -33.37 -11.60 12.62
CA MET B 1213 -32.56 -12.78 12.34
C MET B 1213 -32.65 -13.20 10.89
N LYS B 1214 -33.82 -13.03 10.27
CA LYS B 1214 -33.96 -13.38 8.86
C LYS B 1214 -33.13 -12.48 7.95
N CYS B 1215 -32.73 -11.30 8.43
CA CYS B 1215 -31.91 -10.38 7.67
C CYS B 1215 -30.44 -10.45 8.03
N LEU B 1216 -30.11 -10.69 9.30
CA LEU B 1216 -28.72 -10.79 9.72
C LEU B 1216 -28.14 -12.16 9.40
N ASP B 1217 -28.83 -13.23 9.77
CA ASP B 1217 -28.42 -14.59 9.44
C ASP B 1217 -29.07 -15.09 8.15
N ALA B 1218 -28.97 -14.31 7.09
CA ALA B 1218 -29.55 -14.72 5.82
C ALA B 1218 -28.74 -15.85 5.21
N ASN B 1219 -29.40 -16.96 4.88
CA ASN B 1219 -28.70 -18.10 4.32
C ASN B 1219 -28.06 -17.76 2.98
N GLU B 1220 -28.66 -16.83 2.24
CA GLU B 1220 -28.10 -16.37 0.98
C GLU B 1220 -28.41 -14.89 0.82
N ALA B 1221 -27.56 -14.22 0.04
CA ALA B 1221 -27.73 -12.78 -0.19
C ALA B 1221 -27.03 -12.35 -1.47
CL CL C . 5.90 22.42 -3.82
O12 PT5 D . -24.28 13.17 14.35
P1 PT5 D . -23.72 12.05 13.56
O13 PT5 D . -22.86 11.02 14.43
O11 PT5 D . -24.70 11.19 12.76
O6 PT5 D . -23.35 15.06 11.57
O1 PT5 D . -22.60 12.50 12.55
C1 PT5 D . -22.48 12.85 11.15
C6 PT5 D . -22.24 14.34 11.04
C2 PT5 D . -21.30 12.06 10.60
O2 PT5 D . -20.14 12.32 11.39
C3 PT5 D . -21.06 12.39 9.15
O3 PT5 D . -19.88 11.73 8.70
C4 PT5 D . -20.91 13.89 8.94
O4 PT5 D . -20.94 14.14 7.51
P4 PT5 D . -19.71 14.27 6.47
O41 PT5 D . -18.49 13.62 7.00
O42 PT5 D . -20.20 13.64 5.18
O43 PT5 D . -19.53 15.78 6.24
C5 PT5 D . -22.04 14.67 9.57
O5 PT5 D . -23.27 14.40 8.86
P5 PT5 D . -24.25 15.55 8.30
O52 PT5 D . -24.58 15.33 6.87
O51 PT5 D . -25.49 15.52 9.20
O53 PT5 D . -23.52 16.87 8.53
C7 PT5 D . -23.29 10.23 15.55
C8 PT5 D . -22.10 9.38 15.92
C9 PT5 D . -22.03 9.12 17.41
O16 PT5 D . -22.27 8.13 15.19
C10 PT5 D . -21.31 7.21 15.29
O17 PT5 D . -21.44 6.16 15.85
O18 PT5 D . -20.66 8.85 17.75
C11 PT5 D . -20.40 8.55 19.03
O19 PT5 D . -21.23 8.19 19.81
C12 PT5 D . -20.07 7.66 14.58
C13 PT5 D . -18.92 6.66 14.66
C14 PT5 D . -18.22 6.62 16.00
C15 PT5 D . -17.08 5.62 16.07
C16 PT5 D . -16.33 5.61 17.38
C17 PT5 D . -15.68 6.96 17.72
C31 PT5 D . -18.94 8.74 19.34
C32 PT5 D . -18.59 8.42 20.78
O12 PT5 E . -11.78 -4.16 -28.48
P1 PT5 E . -11.48 -3.27 -27.35
O13 PT5 E . -9.94 -2.83 -27.27
O11 PT5 E . -12.27 -1.97 -27.25
O6 PT5 E . -13.76 -5.80 -26.10
O1 PT5 E . -11.59 -3.97 -25.95
C1 PT5 E . -12.55 -4.10 -24.88
C6 PT5 E . -13.09 -5.52 -24.88
C2 PT5 E . -11.83 -3.78 -23.59
O2 PT5 E . -10.68 -4.62 -23.47
C3 PT5 E . -12.75 -3.96 -22.39
O3 PT5 E . -11.99 -3.77 -21.19
C4 PT5 E . -13.40 -5.32 -22.38
O4 PT5 E . -14.44 -5.31 -21.37
P4 PT5 E . -14.38 -5.76 -19.84
O41 PT5 E . -12.97 -5.77 -19.34
O42 PT5 E . -15.27 -4.79 -19.08
O43 PT5 E . -15.03 -7.15 -19.78
C5 PT5 E . -14.04 -5.67 -23.72
O5 PT5 E . -15.18 -4.81 -23.93
P5 PT5 E . -16.65 -5.34 -24.33
O52 PT5 E . -17.69 -4.77 -23.43
O51 PT5 E . -16.84 -4.95 -25.79
O53 PT5 E . -16.57 -6.86 -24.25
C7 PT5 E . -9.17 -2.13 -28.28
C8 PT5 E . -7.81 -1.93 -27.65
C9 PT5 E . -6.70 -1.95 -28.67
O16 PT5 E . -7.88 -0.60 -27.01
C10 PT5 E . -6.82 -0.20 -26.31
O17 PT5 E . -6.10 0.71 -26.65
O18 PT5 E . -5.48 -2.33 -28.00
C11 PT5 E . -4.37 -2.37 -28.73
O19 PT5 E . -4.26 -1.83 -29.80
C12 PT5 E . -6.66 -0.99 -25.05
C13 PT5 E . -5.46 -0.57 -24.21
C14 PT5 E . -4.12 -1.05 -24.76
C15 PT5 E . -2.94 -0.62 -23.91
C16 PT5 E . -1.60 -1.14 -24.40
C17 PT5 E . -1.53 -2.65 -24.46
C31 PT5 E . -3.32 -3.19 -28.06
C32 PT5 E . -2.02 -3.27 -28.86
CL CL F . -7.89 -21.92 3.04
#